data_4AVG
#
_entry.id   4AVG
#
_cell.length_a   56.590
_cell.length_b   120.810
_cell.length_c   128.200
_cell.angle_alpha   90.00
_cell.angle_beta   90.00
_cell.angle_gamma   90.00
#
_symmetry.space_group_name_H-M   'P 21 21 21'
#
loop_
_entity.id
_entity.type
_entity.pdbx_description
1 polymer 'POLYMERASE PA'
2 non-polymer '(Z)-4-[4-[(4-chlorophenyl)methyl]-1-(cyclohexylmethyl)piperidin-4-yl]-2-oxidanyl-4-oxidanylidene-but-2-enoic acid'
3 non-polymer 'MANGANESE (II) ION'
4 water water
#
_entity_poly.entity_id   1
_entity_poly.type   'polypeptide(L)'
_entity_poly.pdbx_seq_one_letter_code
;MGSGMAMEDFVRQCFNPMIVELAEKAMKEYGEDPKIETNKFAAICTHLEVCFMYSDFHFIDERGESIIVESGDPNALLKH
RFEIIEGRDRIMAWTVVNSICNTTGVEKPKFLPDLYDYKENRFIEIGVTRREVHIYYLEKANKIKSEKTHIHIFSFTGEE
MATKADYTLDEESRARIKTRLFTIRQEMASRSLWDSFRQSERGE
;
_entity_poly.pdbx_strand_id   A,B,C,D
#
loop_
_chem_comp.id
_chem_comp.type
_chem_comp.name
_chem_comp.formula
MN non-polymer 'MANGANESE (II) ION' 'Mn 2'
SL6 non-polymer '(Z)-4-[4-[(4-chlorophenyl)methyl]-1-(cyclohexylmethyl)piperidin-4-yl]-2-oxidanyl-4-oxidanylidene-but-2-enoic acid' 'C23 H30 Cl N O4'
#
# COMPACT_ATOMS: atom_id res chain seq x y z
N MET A 5 18.74 10.18 -21.94
CA MET A 5 17.62 10.80 -21.17
C MET A 5 17.97 12.20 -20.65
N ALA A 6 17.18 13.22 -21.00
CA ALA A 6 17.33 14.55 -20.40
C ALA A 6 16.90 14.42 -18.90
N MET A 7 17.55 15.13 -17.99
CA MET A 7 17.08 15.19 -16.60
C MET A 7 15.55 15.52 -16.49
N GLU A 8 15.04 16.36 -17.37
CA GLU A 8 13.65 16.76 -17.32
C GLU A 8 12.71 15.59 -17.49
N ASP A 9 13.00 14.72 -18.46
CA ASP A 9 12.21 13.50 -18.65
C ASP A 9 12.48 12.52 -17.50
N PHE A 10 13.70 12.50 -16.99
CA PHE A 10 13.97 11.63 -15.88
C PHE A 10 13.01 11.94 -14.76
N VAL A 11 12.92 13.23 -14.43
CA VAL A 11 12.03 13.73 -13.33
C VAL A 11 10.61 13.34 -13.58
N ARG A 12 10.14 13.53 -14.78
CA ARG A 12 8.74 13.19 -15.05
C ARG A 12 8.45 11.70 -15.06
N GLN A 13 9.46 10.90 -15.28
CA GLN A 13 9.25 9.45 -15.17
C GLN A 13 9.51 8.96 -13.74
N CYS A 14 10.47 9.58 -13.06
CA CYS A 14 10.80 9.19 -11.69
C CYS A 14 9.71 9.52 -10.65
N PHE A 15 9.08 10.69 -10.72
CA PHE A 15 8.23 11.10 -9.58
C PHE A 15 6.78 11.08 -9.91
N ASN A 16 5.95 10.94 -8.90
CA ASN A 16 4.51 10.99 -9.05
C ASN A 16 4.11 12.29 -9.70
N PRO A 17 3.10 12.24 -10.57
CA PRO A 17 2.64 13.42 -11.28
C PRO A 17 2.15 14.56 -10.38
N MET A 18 1.62 14.21 -9.22
CA MET A 18 1.26 15.21 -8.24
C MET A 18 2.48 16.02 -7.72
N ILE A 19 3.55 15.34 -7.34
CA ILE A 19 4.80 16.01 -6.93
C ILE A 19 5.31 16.91 -8.08
N VAL A 20 5.32 16.37 -9.29
CA VAL A 20 5.83 17.09 -10.44
C VAL A 20 5.05 18.36 -10.71
N GLU A 21 3.71 18.32 -10.63
CA GLU A 21 2.87 19.46 -10.85
C GLU A 21 3.08 20.56 -9.82
N LEU A 22 3.22 20.16 -8.59
CA LEU A 22 3.49 21.10 -7.56
C LEU A 22 4.86 21.76 -7.81
N ALA A 23 5.83 20.95 -8.23
CA ALA A 23 7.21 21.45 -8.36
C ALA A 23 7.29 22.42 -9.53
N GLU A 24 6.57 22.11 -10.61
CA GLU A 24 6.52 22.95 -11.78
C GLU A 24 5.95 24.33 -11.47
N LYS A 25 4.83 24.34 -10.74
CA LYS A 25 4.19 25.61 -10.38
C LYS A 25 5.11 26.48 -9.49
N ALA A 26 5.81 25.86 -8.56
CA ALA A 26 6.62 26.57 -7.64
C ALA A 26 7.77 27.28 -8.35
N MET A 27 8.38 26.59 -9.30
CA MET A 27 9.45 27.13 -10.08
C MET A 27 8.93 28.30 -10.96
N LYS A 28 7.86 28.10 -11.73
CA LYS A 28 7.36 29.18 -12.57
C LYS A 28 6.95 30.40 -11.75
N GLU A 29 6.31 30.19 -10.62
CA GLU A 29 5.83 31.32 -9.88
C GLU A 29 6.97 32.16 -9.26
N TYR A 30 8.10 31.52 -9.01
CA TYR A 30 9.32 32.17 -8.57
C TYR A 30 10.20 32.58 -9.71
N GLY A 31 9.69 32.54 -10.92
CA GLY A 31 10.49 32.97 -12.05
C GLY A 31 11.53 32.02 -12.65
N GLU A 32 11.48 30.74 -12.32
CA GLU A 32 12.40 29.72 -12.90
C GLU A 32 11.70 28.75 -13.82
N ASP A 33 12.46 28.21 -14.73
CA ASP A 33 11.93 27.32 -15.74
C ASP A 33 12.44 25.91 -15.44
N PRO A 34 11.54 24.96 -15.26
CA PRO A 34 12.01 23.60 -15.00
C PRO A 34 12.74 22.94 -16.20
N LYS A 35 12.47 23.44 -17.40
CA LYS A 35 13.14 22.99 -18.62
C LYS A 35 14.59 23.55 -18.65
N ILE A 36 14.85 24.69 -18.01
CA ILE A 36 16.23 25.19 -17.82
C ILE A 36 16.95 24.74 -16.51
N GLU A 37 16.33 24.86 -15.36
CA GLU A 37 17.03 24.46 -14.13
C GLU A 37 16.60 23.09 -13.72
N THR A 38 17.08 22.11 -14.48
CA THR A 38 16.59 20.74 -14.37
C THR A 38 17.05 20.01 -13.13
N ASN A 39 18.25 20.27 -12.67
CA ASN A 39 18.70 19.69 -11.42
C ASN A 39 17.90 20.26 -10.26
N LYS A 40 17.57 21.55 -10.34
CA LYS A 40 16.77 22.22 -9.29
C LYS A 40 15.33 21.64 -9.31
N PHE A 41 14.79 21.39 -10.51
CA PHE A 41 13.52 20.68 -10.67
C PHE A 41 13.53 19.33 -9.96
N ALA A 42 14.63 18.58 -10.10
CA ALA A 42 14.72 17.24 -9.53
C ALA A 42 14.90 17.31 -7.98
N ALA A 43 15.63 18.31 -7.53
CA ALA A 43 15.82 18.60 -6.09
C ALA A 43 14.54 19.00 -5.39
N ILE A 44 13.72 19.79 -6.06
CA ILE A 44 12.43 20.22 -5.53
C ILE A 44 11.50 19.04 -5.41
N CYS A 45 11.47 18.21 -6.42
CA CYS A 45 10.63 16.99 -6.35
C CYS A 45 11.07 16.04 -5.30
N THR A 46 12.39 15.94 -5.05
CA THR A 46 12.93 14.99 -4.13
C THR A 46 12.59 15.36 -2.73
N HIS A 47 12.75 16.63 -2.43
CA HIS A 47 12.47 17.15 -1.10
C HIS A 47 11.00 17.00 -0.78
N LEU A 48 10.16 17.43 -1.71
CA LEU A 48 8.72 17.17 -1.61
C LEU A 48 8.37 15.72 -1.39
N GLU A 49 8.88 14.83 -2.24
CA GLU A 49 8.67 13.41 -1.98
C GLU A 49 9.09 12.94 -0.60
N VAL A 50 10.19 13.44 -0.07
CA VAL A 50 10.64 12.97 1.25
C VAL A 50 9.76 13.52 2.32
N CYS A 51 9.26 14.73 2.17
CA CYS A 51 8.35 15.24 3.19
C CYS A 51 7.05 14.35 3.21
N PHE A 52 6.55 14.00 2.03
CA PHE A 52 5.35 13.16 1.99
C PHE A 52 5.64 11.74 2.55
N MET A 53 6.81 11.16 2.20
CA MET A 53 7.20 9.82 2.69
C MET A 53 7.34 9.88 4.20
N TYR A 54 7.88 10.96 4.70
CA TYR A 54 8.07 11.13 6.14
C TYR A 54 6.70 11.08 6.84
N SER A 55 5.66 11.67 6.28
CA SER A 55 4.31 11.53 6.96
C SER A 55 3.57 10.22 6.65
N ASP A 56 3.81 9.64 5.47
CA ASP A 56 3.15 8.40 5.05
C ASP A 56 3.01 7.38 6.13
N PHE A 57 1.82 6.80 6.21
CA PHE A 57 1.50 5.64 7.08
C PHE A 57 1.58 5.86 8.57
N HIS A 58 1.82 7.10 9.01
CA HIS A 58 1.99 7.36 10.44
C HIS A 58 0.75 7.92 11.02
N PHE A 59 0.19 7.22 12.01
CA PHE A 59 -0.97 7.73 12.73
C PHE A 59 -0.72 7.68 14.20
N ILE A 60 -1.73 8.09 14.96
CA ILE A 60 -1.68 8.13 16.42
C ILE A 60 -2.85 7.27 16.80
N ASP A 61 -2.60 6.25 17.64
CA ASP A 61 -3.68 5.33 18.06
C ASP A 61 -4.35 5.86 19.32
N GLU A 62 -5.27 5.06 19.86
CA GLU A 62 -6.08 5.42 21.03
C GLU A 62 -5.22 5.74 22.25
N ARG A 63 -4.08 5.07 22.40
CA ARG A 63 -3.11 5.41 23.44
C ARG A 63 -2.34 6.72 23.19
N GLY A 64 -2.55 7.40 22.07
CA GLY A 64 -1.62 8.49 21.74
C GLY A 64 -0.21 8.02 21.31
N GLU A 65 -0.05 6.73 21.00
CA GLU A 65 1.22 6.19 20.56
C GLU A 65 1.30 6.28 19.04
N SER A 66 2.54 6.21 18.52
CA SER A 66 2.79 6.24 17.10
C SER A 66 2.55 4.89 16.50
N ILE A 67 1.64 4.80 15.53
CA ILE A 67 1.41 3.54 14.80
C ILE A 67 1.68 3.73 13.31
N ILE A 68 2.05 2.64 12.65
CA ILE A 68 2.19 2.60 11.20
C ILE A 68 1.04 1.78 10.63
N VAL A 69 0.49 2.21 9.52
CA VAL A 69 -0.63 1.52 8.94
C VAL A 69 -0.62 1.77 7.47
N GLU A 70 -0.35 0.73 6.72
CA GLU A 70 -0.36 0.90 5.28
C GLU A 70 -1.41 0.01 4.68
N ASN A 75 -5.95 8.90 4.18
CA ASN A 75 -7.30 9.23 3.68
C ASN A 75 -8.47 8.79 4.61
N ALA A 76 -8.66 7.49 4.80
CA ALA A 76 -9.81 6.92 5.52
C ALA A 76 -9.57 6.91 7.04
N LEU A 77 -8.30 7.08 7.43
CA LEU A 77 -7.85 7.12 8.83
C LEU A 77 -7.42 8.55 9.17
N LEU A 78 -8.06 9.14 10.18
CA LEU A 78 -8.01 10.60 10.38
C LEU A 78 -7.06 11.11 11.50
N LYS A 79 -6.53 10.25 12.33
CA LYS A 79 -5.53 10.69 13.33
C LYS A 79 -4.10 10.62 12.84
N HIS A 80 -3.71 11.61 12.05
CA HIS A 80 -2.36 11.66 11.45
C HIS A 80 -1.37 12.07 12.43
N ARG A 81 -0.19 11.48 12.39
CA ARG A 81 0.90 11.91 13.29
C ARG A 81 1.48 13.23 12.86
N PHE A 82 1.62 13.47 11.54
CA PHE A 82 2.20 14.76 10.99
C PHE A 82 1.18 15.59 10.19
N GLU A 83 1.18 16.92 10.35
CA GLU A 83 0.57 17.85 9.40
C GLU A 83 1.61 18.19 8.36
N ILE A 84 1.25 18.09 7.10
CA ILE A 84 2.19 18.43 6.03
C ILE A 84 2.00 19.93 5.76
N ILE A 85 3.09 20.68 5.87
CA ILE A 85 3.07 22.14 5.58
C ILE A 85 3.74 22.39 4.22
N GLU A 86 4.77 21.64 3.86
CA GLU A 86 5.43 21.80 2.56
C GLU A 86 4.46 21.46 1.49
N GLY A 87 4.54 22.17 0.38
CA GLY A 87 3.74 21.87 -0.73
C GLY A 87 2.57 22.83 -0.84
N ARG A 88 2.10 23.40 0.28
CA ARG A 88 1.00 24.40 0.27
C ARG A 88 1.47 25.79 -0.15
N ASP A 89 0.58 26.63 -0.67
CA ASP A 89 0.88 28.06 -0.85
C ASP A 89 1.08 28.73 0.55
N ARG A 90 1.76 29.89 0.60
CA ARG A 90 2.13 30.53 1.83
C ARG A 90 0.91 30.99 2.66
N ILE A 91 -0.20 31.31 2.03
CA ILE A 91 -1.39 31.72 2.74
C ILE A 91 -1.85 30.56 3.58
N MET A 92 -1.97 29.39 2.93
CA MET A 92 -2.47 28.21 3.59
C MET A 92 -1.44 27.60 4.54
N ALA A 93 -0.17 27.64 4.19
CA ALA A 93 0.87 27.19 5.11
C ALA A 93 0.83 27.99 6.39
N TRP A 94 0.75 29.32 6.31
CA TRP A 94 0.68 30.14 7.52
C TRP A 94 -0.61 29.96 8.27
N THR A 95 -1.73 29.71 7.58
CA THR A 95 -3.00 29.37 8.18
C THR A 95 -2.92 28.09 9.03
N VAL A 96 -2.29 27.06 8.49
CA VAL A 96 -2.15 25.79 9.20
C VAL A 96 -1.26 25.96 10.39
N VAL A 97 -0.15 26.67 10.23
CA VAL A 97 0.79 26.90 11.34
C VAL A 97 0.10 27.67 12.51
N ASN A 98 -0.64 28.74 12.18
CA ASN A 98 -1.37 29.49 13.21
C ASN A 98 -2.37 28.66 13.95
N SER A 99 -3.13 27.86 13.24
CA SER A 99 -4.12 26.96 13.84
C SER A 99 -3.44 25.87 14.77
N ILE A 100 -2.35 25.29 14.29
CA ILE A 100 -1.54 24.47 15.18
C ILE A 100 -1.06 25.24 16.40
N CYS A 101 -0.47 26.41 16.26
CA CYS A 101 -0.04 27.21 17.45
C CYS A 101 -1.29 27.51 18.36
N ASN A 102 -2.39 27.92 17.75
CA ASN A 102 -3.59 28.19 18.49
C ASN A 102 -3.98 27.03 19.33
N THR A 103 -3.86 25.81 18.81
CA THR A 103 -4.45 24.68 19.48
C THR A 103 -3.51 23.81 20.31
N THR A 104 -2.22 23.81 20.08
CA THR A 104 -1.29 23.03 20.93
C THR A 104 -0.49 23.97 21.79
N GLY A 105 -0.56 25.26 21.51
CA GLY A 105 0.30 26.20 22.18
C GLY A 105 1.80 26.16 21.92
N VAL A 106 2.33 25.35 21.00
CA VAL A 106 3.77 25.56 20.62
C VAL A 106 4.01 26.95 20.10
N GLU A 107 5.26 27.39 20.18
CA GLU A 107 5.69 28.68 19.59
C GLU A 107 5.59 28.71 18.07
N LYS A 108 5.14 29.84 17.56
CA LYS A 108 5.05 30.10 16.17
C LYS A 108 6.42 30.32 15.59
N PRO A 109 6.85 29.46 14.69
CA PRO A 109 8.20 29.67 14.15
C PRO A 109 8.25 30.97 13.34
N LYS A 110 9.44 31.48 13.01
CA LYS A 110 9.49 32.68 12.12
C LYS A 110 9.58 32.28 10.64
N PHE A 111 10.22 31.14 10.37
CA PHE A 111 10.23 30.53 9.01
C PHE A 111 9.26 29.33 8.93
N LEU A 112 8.62 29.14 7.79
CA LEU A 112 7.76 27.98 7.60
C LEU A 112 8.52 26.65 7.62
N PRO A 113 8.06 25.68 8.45
CA PRO A 113 8.68 24.39 8.46
C PRO A 113 8.06 23.47 7.45
N ASP A 114 8.43 22.20 7.49
CA ASP A 114 7.95 21.30 6.52
C ASP A 114 6.79 20.48 7.06
N LEU A 115 6.89 20.09 8.33
CA LEU A 115 5.88 19.26 8.99
C LEU A 115 5.66 19.76 10.44
N TYR A 116 4.53 19.35 11.03
CA TYR A 116 4.28 19.39 12.45
C TYR A 116 4.04 17.94 12.89
N ASP A 117 4.71 17.58 13.98
CA ASP A 117 4.64 16.27 14.57
C ASP A 117 3.77 16.42 15.79
N TYR A 118 2.53 15.90 15.72
CA TYR A 118 1.55 15.97 16.85
C TYR A 118 1.97 15.08 18.01
N LYS A 119 2.86 14.10 17.80
CA LYS A 119 3.34 13.30 18.96
C LYS A 119 4.36 13.98 19.84
N GLU A 120 5.41 14.54 19.26
CA GLU A 120 6.41 15.34 20.06
C GLU A 120 6.07 16.83 20.22
N ASN A 121 5.01 17.25 19.54
CA ASN A 121 4.59 18.63 19.56
C ASN A 121 5.68 19.60 19.13
N ARG A 122 6.28 19.32 17.99
CA ARG A 122 7.24 20.23 17.40
C ARG A 122 7.18 20.23 15.89
N PHE A 123 7.50 21.38 15.31
CA PHE A 123 7.73 21.52 13.88
C PHE A 123 9.02 20.86 13.50
N ILE A 124 9.12 20.48 12.23
CA ILE A 124 10.25 19.76 11.67
C ILE A 124 10.63 20.37 10.35
N GLU A 125 11.93 20.60 10.17
CA GLU A 125 12.49 21.02 8.91
C GLU A 125 13.30 19.84 8.31
N ILE A 126 12.94 19.48 7.08
CA ILE A 126 13.51 18.36 6.35
C ILE A 126 14.44 18.93 5.32
N GLY A 127 15.61 18.34 5.23
CA GLY A 127 16.57 18.67 4.15
C GLY A 127 17.00 17.37 3.49
N VAL A 128 17.25 17.43 2.19
CA VAL A 128 17.80 16.30 1.45
C VAL A 128 18.99 16.82 0.71
N THR A 129 20.20 16.30 1.02
CA THR A 129 21.43 16.85 0.47
C THR A 129 22.23 15.87 -0.39
N ARG A 130 22.95 16.43 -1.34
CA ARG A 130 24.03 15.71 -1.99
C ARG A 130 25.42 16.23 -1.58
N ARG A 131 25.50 17.16 -0.63
CA ARG A 131 26.75 17.50 -0.02
C ARG A 131 26.86 16.83 1.34
N GLU A 132 28.01 17.00 1.98
CA GLU A 132 28.18 16.49 3.35
C GLU A 132 27.01 16.91 4.25
N VAL A 133 26.46 15.99 5.04
CA VAL A 133 25.24 16.31 5.85
C VAL A 133 25.30 17.48 6.82
N HIS A 134 26.49 17.82 7.32
CA HIS A 134 26.58 18.94 8.23
C HIS A 134 26.23 20.22 7.54
N ILE A 135 26.40 20.28 6.24
CA ILE A 135 26.26 21.55 5.55
C ILE A 135 24.83 22.01 5.53
N TYR A 136 23.95 21.16 5.01
CA TYR A 136 22.53 21.54 4.98
C TYR A 136 22.05 21.79 6.41
N TYR A 137 22.42 20.93 7.37
CA TYR A 137 22.08 21.14 8.78
C TYR A 137 22.45 22.53 9.31
N LEU A 138 23.71 22.95 9.07
CA LEU A 138 24.19 24.29 9.46
C LEU A 138 23.42 25.40 8.78
N GLU A 139 23.20 25.25 7.50
CA GLU A 139 22.48 26.33 6.76
C GLU A 139 21.14 26.54 7.41
N LYS A 140 20.50 25.45 7.81
CA LYS A 140 19.20 25.56 8.41
C LYS A 140 19.22 25.97 9.87
N ALA A 141 20.16 25.45 10.68
CA ALA A 141 20.23 25.88 12.09
C ALA A 141 20.58 27.39 12.22
N ASN A 142 21.29 27.93 11.22
CA ASN A 142 21.61 29.36 11.18
C ASN A 142 20.40 30.27 11.15
N LYS A 143 19.39 29.86 10.40
CA LYS A 143 18.18 30.64 10.23
C LYS A 143 17.16 30.38 11.33
N ILE A 144 17.03 29.14 11.77
CA ILE A 144 16.15 28.79 12.90
C ILE A 144 16.59 29.38 14.26
N LYS A 145 17.90 29.49 14.43
CA LYS A 145 18.58 30.07 15.62
C LYS A 145 18.06 29.56 16.95
N GLU A 147 14.99 28.52 18.63
CA GLU A 147 14.94 27.42 17.68
C GLU A 147 14.21 26.17 18.20
N LYS A 148 12.89 26.22 18.26
CA LYS A 148 12.14 25.00 18.61
C LYS A 148 11.91 24.03 17.41
N THR A 149 12.50 24.34 16.26
CA THR A 149 12.16 23.62 15.03
C THR A 149 13.20 22.52 14.94
N HIS A 150 12.73 21.29 15.02
CA HIS A 150 13.60 20.13 14.89
C HIS A 150 14.07 19.93 13.48
N ILE A 151 15.36 19.64 13.24
CA ILE A 151 15.91 19.53 11.89
C ILE A 151 16.31 18.11 11.61
N HIS A 152 16.02 17.57 10.41
CA HIS A 152 16.39 16.21 10.03
C HIS A 152 16.80 16.30 8.58
N ILE A 153 18.05 15.92 8.34
CA ILE A 153 18.65 15.97 7.01
C ILE A 153 18.87 14.54 6.55
N PHE A 154 18.61 14.27 5.30
CA PHE A 154 18.92 12.97 4.74
C PHE A 154 19.92 13.21 3.60
N SER A 155 20.71 12.21 3.23
CA SER A 155 21.68 12.36 2.15
C SER A 155 21.47 11.24 1.21
N PHE A 156 22.06 11.36 0.06
CA PHE A 156 21.98 10.29 -0.89
C PHE A 156 23.03 9.18 -0.59
N THR A 157 23.82 9.34 0.47
CA THR A 157 24.82 8.35 0.80
C THR A 157 24.35 7.48 1.92
N GLY A 158 23.17 7.74 2.46
CA GLY A 158 22.73 6.96 3.60
C GLY A 158 22.94 7.60 4.97
N GLU A 159 23.74 8.65 5.07
CA GLU A 159 23.89 9.36 6.35
C GLU A 159 22.69 10.22 6.67
N GLU A 160 22.42 10.40 7.94
CA GLU A 160 21.41 11.37 8.40
C GLU A 160 22.03 12.24 9.49
N MET A 161 21.43 13.40 9.72
CA MET A 161 21.79 14.23 10.86
C MET A 161 20.55 14.94 11.32
N ALA A 162 20.27 14.85 12.61
CA ALA A 162 19.02 15.30 13.16
C ALA A 162 19.37 15.96 14.45
N THR A 163 18.61 17.01 14.81
CA THR A 163 18.73 17.61 16.14
C THR A 163 18.73 16.64 17.36
N LYS A 164 19.74 16.83 18.20
CA LYS A 164 20.06 15.99 19.34
C LYS A 164 20.15 14.53 19.01
N ALA A 165 20.56 14.19 17.78
CA ALA A 165 20.54 12.80 17.33
C ALA A 165 19.21 12.08 17.63
N ASP A 166 18.10 12.82 17.60
CA ASP A 166 16.76 12.25 17.73
C ASP A 166 16.16 12.19 16.28
N TYR A 167 15.97 10.99 15.75
CA TYR A 167 15.55 10.84 14.39
C TYR A 167 14.03 10.77 14.16
N THR A 168 13.26 11.00 15.21
CA THR A 168 11.78 11.01 15.19
C THR A 168 11.21 9.66 14.77
N LEU A 169 11.49 9.23 13.56
CA LEU A 169 10.82 8.06 13.00
C LEU A 169 11.47 6.75 13.48
N ASP A 170 10.74 5.64 13.35
CA ASP A 170 11.30 4.30 13.49
C ASP A 170 12.33 3.97 12.41
N GLU A 171 13.16 3.00 12.73
CA GLU A 171 14.21 2.60 11.82
C GLU A 171 13.72 2.24 10.42
N GLU A 172 12.57 1.55 10.34
CA GLU A 172 12.05 1.05 9.06
C GLU A 172 11.57 2.17 8.12
N SER A 173 10.93 3.22 8.66
CA SER A 173 10.51 4.36 7.86
C SER A 173 11.73 5.13 7.37
N ARG A 174 12.77 5.18 8.20
CA ARG A 174 14.00 5.86 7.77
C ARG A 174 14.68 5.09 6.64
N ALA A 175 14.64 3.77 6.71
CA ALA A 175 15.24 2.91 5.73
C ALA A 175 14.43 2.96 4.40
N ARG A 176 13.13 3.14 4.49
CA ARG A 176 12.31 3.33 3.29
C ARG A 176 12.68 4.65 2.54
N ILE A 177 12.75 5.77 3.25
CA ILE A 177 13.25 7.05 2.67
C ILE A 177 14.63 6.84 2.07
N LYS A 178 15.52 6.25 2.83
CA LYS A 178 16.89 6.10 2.32
C LYS A 178 16.96 5.17 1.13
N THR A 179 16.16 4.11 1.14
CA THR A 179 16.05 3.29 -0.07
C THR A 179 15.57 4.02 -1.28
N ARG A 180 14.61 4.93 -1.08
CA ARG A 180 14.10 5.69 -2.20
C ARG A 180 15.22 6.60 -2.73
N LEU A 181 15.96 7.22 -1.84
CA LEU A 181 17.08 8.07 -2.28
C LEU A 181 18.18 7.24 -2.98
N PHE A 182 18.46 6.07 -2.42
CA PHE A 182 19.45 5.15 -3.03
C PHE A 182 19.09 4.84 -4.49
N THR A 183 17.79 4.59 -4.75
CA THR A 183 17.29 4.23 -6.09
C THR A 183 17.36 5.41 -7.00
N ILE A 184 16.96 6.57 -6.49
CA ILE A 184 17.04 7.78 -7.31
C ILE A 184 18.51 8.01 -7.72
N ARG A 185 19.45 7.83 -6.83
CA ARG A 185 20.89 8.00 -7.22
C ARG A 185 21.31 6.94 -8.28
N GLN A 186 21.09 5.67 -7.98
CA GLN A 186 21.46 4.56 -8.92
C GLN A 186 20.87 4.76 -10.34
N GLU A 187 19.63 5.23 -10.44
CA GLU A 187 19.00 5.42 -11.76
C GLU A 187 19.51 6.67 -12.47
N MET A 188 19.83 7.71 -11.71
CA MET A 188 20.46 8.87 -12.37
C MET A 188 21.88 8.48 -12.88
N ALA A 189 22.63 7.77 -12.02
CA ALA A 189 24.01 7.28 -12.39
C ALA A 189 24.02 6.37 -13.63
N SER A 190 23.10 5.41 -13.71
CA SER A 190 23.08 4.52 -14.83
C SER A 190 22.78 5.25 -16.13
N ARG A 191 22.28 6.49 -16.05
CA ARG A 191 21.96 7.32 -17.21
C ARG A 191 22.85 8.53 -17.34
N SER A 192 23.92 8.59 -16.54
CA SER A 192 24.92 9.65 -16.61
C SER A 192 24.40 10.99 -16.20
N LEU A 193 23.45 11.00 -15.26
CA LEU A 193 22.87 12.21 -14.73
C LEU A 193 23.37 12.56 -13.32
N TRP A 194 23.91 11.57 -12.62
CA TRP A 194 24.23 11.76 -11.24
C TRP A 194 25.29 12.82 -11.03
N ASP A 195 26.35 12.77 -11.84
CA ASP A 195 27.52 13.66 -11.64
C ASP A 195 27.11 15.14 -11.67
N SER A 196 26.34 15.51 -12.67
CA SER A 196 25.87 16.87 -12.79
C SER A 196 24.92 17.25 -11.60
N PHE A 197 24.02 16.33 -11.26
CA PHE A 197 23.08 16.61 -10.17
C PHE A 197 23.87 16.76 -8.88
N ARG A 198 24.82 15.87 -8.66
CA ARG A 198 25.64 15.91 -7.41
C ARG A 198 26.38 17.24 -7.28
N GLN A 199 26.74 17.88 -8.38
CA GLN A 199 27.57 19.08 -8.27
C GLN A 199 26.77 20.35 -8.17
N SER A 200 25.51 20.31 -8.56
CA SER A 200 24.69 21.52 -8.68
C SER A 200 24.15 22.08 -7.38
N GLU A 201 24.18 21.33 -6.26
CA GLU A 201 23.52 21.85 -5.05
C GLU A 201 24.26 23.09 -4.54
N ARG A 202 23.56 24.14 -4.18
CA ARG A 202 24.28 25.36 -3.71
C ARG A 202 23.74 25.86 -2.38
N GLY A 203 24.53 26.67 -1.69
CA GLY A 203 24.26 27.01 -0.29
C GLY A 203 23.38 28.21 -0.12
N MET B 5 -21.46 23.62 8.70
CA MET B 5 -20.29 23.44 7.79
C MET B 5 -20.56 24.10 6.41
N ALA B 6 -19.74 25.09 6.04
CA ALA B 6 -19.75 25.68 4.71
C ALA B 6 -19.18 24.63 3.72
N MET B 7 -19.50 24.75 2.44
CA MET B 7 -18.88 23.93 1.41
C MET B 7 -17.33 24.06 1.42
N GLU B 8 -16.80 25.24 1.70
CA GLU B 8 -15.36 25.43 1.73
C GLU B 8 -14.71 24.55 2.80
N ASP B 9 -15.33 24.55 3.99
CA ASP B 9 -14.84 23.71 5.12
C ASP B 9 -14.86 22.22 4.74
N PHE B 10 -15.95 21.79 4.14
CA PHE B 10 -16.03 20.41 3.65
C PHE B 10 -14.87 20.09 2.67
N VAL B 11 -14.73 20.94 1.66
CA VAL B 11 -13.69 20.69 0.68
C VAL B 11 -12.38 20.53 1.41
N ARG B 12 -12.08 21.40 2.39
CA ARG B 12 -10.73 21.33 3.03
C ARG B 12 -10.53 20.18 3.97
N GLN B 13 -11.62 19.62 4.44
CA GLN B 13 -11.58 18.48 5.34
C GLN B 13 -11.65 17.17 4.57
N CYS B 14 -12.35 17.17 3.42
CA CYS B 14 -12.56 15.95 2.61
C CYS B 14 -11.42 15.51 1.63
N PHE B 15 -10.71 16.46 1.01
CA PHE B 15 -9.64 16.16 0.04
C PHE B 15 -8.23 16.41 0.54
N ASN B 16 -7.30 15.57 0.10
CA ASN B 16 -5.88 15.76 0.27
C ASN B 16 -5.51 17.25 0.05
N PRO B 17 -4.76 17.88 0.98
CA PRO B 17 -4.50 19.34 0.76
C PRO B 17 -3.82 19.68 -0.60
N MET B 18 -3.07 18.73 -1.16
CA MET B 18 -2.34 18.97 -2.43
C MET B 18 -3.26 18.98 -3.59
N ILE B 19 -4.29 18.13 -3.56
CA ILE B 19 -5.41 18.27 -4.45
C ILE B 19 -6.08 19.63 -4.38
N VAL B 20 -6.38 20.07 -3.18
CA VAL B 20 -7.02 21.38 -2.92
C VAL B 20 -6.13 22.57 -3.41
N GLU B 21 -4.82 22.50 -3.20
CA GLU B 21 -3.83 23.45 -3.74
C GLU B 21 -3.96 23.64 -5.25
N LEU B 22 -3.94 22.52 -5.97
CA LEU B 22 -4.02 22.55 -7.43
C LEU B 22 -5.37 23.05 -7.92
N ALA B 23 -6.44 22.66 -7.25
CA ALA B 23 -7.77 23.14 -7.68
C ALA B 23 -7.88 24.64 -7.38
N GLU B 24 -7.27 25.12 -6.31
CA GLU B 24 -7.38 26.57 -6.07
C GLU B 24 -6.59 27.22 -7.19
N LYS B 25 -5.44 26.64 -7.53
CA LYS B 25 -4.65 27.27 -8.61
C LYS B 25 -5.32 27.24 -9.97
N ALA B 26 -5.99 26.14 -10.34
CA ALA B 26 -6.80 26.14 -11.59
C ALA B 26 -7.84 27.25 -11.58
N MET B 27 -8.61 27.35 -10.53
CA MET B 27 -9.57 28.46 -10.46
C MET B 27 -8.93 29.89 -10.48
N LYS B 28 -7.85 30.12 -9.73
CA LYS B 28 -7.21 31.44 -9.78
C LYS B 28 -6.66 31.79 -11.18
N GLU B 29 -6.16 30.80 -11.90
CA GLU B 29 -5.68 31.00 -13.29
C GLU B 29 -6.72 31.68 -14.16
N TYR B 30 -7.97 31.24 -14.06
CA TYR B 30 -9.04 31.80 -14.89
C TYR B 30 -9.86 32.83 -14.08
N GLY B 31 -9.26 33.44 -13.05
CA GLY B 31 -9.86 34.56 -12.33
C GLY B 31 -11.05 34.30 -11.38
N GLU B 32 -11.22 33.05 -10.93
CA GLU B 32 -12.33 32.67 -10.04
C GLU B 32 -11.85 32.33 -8.64
N ASP B 33 -12.70 32.60 -7.66
CA ASP B 33 -12.35 32.45 -6.25
C ASP B 33 -12.98 31.17 -5.69
N PRO B 34 -12.17 30.27 -5.11
CA PRO B 34 -12.66 29.10 -4.38
C PRO B 34 -13.44 29.43 -3.10
N LYS B 35 -13.13 30.59 -2.49
CA LYS B 35 -13.91 31.09 -1.35
C LYS B 35 -15.35 31.51 -1.69
N ILE B 36 -15.62 31.82 -2.94
CA ILE B 36 -16.95 32.27 -3.36
C ILE B 36 -17.65 31.25 -4.24
N GLU B 37 -16.94 30.66 -5.20
CA GLU B 37 -17.51 29.65 -6.09
C GLU B 37 -17.22 28.25 -5.51
N THR B 38 -17.77 28.00 -4.33
CA THR B 38 -17.43 26.82 -3.51
C THR B 38 -17.84 25.47 -4.12
N ASN B 39 -18.97 25.45 -4.81
CA ASN B 39 -19.46 24.27 -5.45
C ASN B 39 -18.49 23.87 -6.63
N LYS B 40 -18.10 24.83 -7.46
CA LYS B 40 -17.06 24.63 -8.50
C LYS B 40 -15.79 24.16 -7.82
N PHE B 41 -15.45 24.77 -6.71
CA PHE B 41 -14.27 24.39 -5.99
C PHE B 41 -14.30 22.86 -5.70
N ALA B 42 -15.44 22.40 -5.22
CA ALA B 42 -15.61 20.99 -4.83
C ALA B 42 -15.65 20.07 -6.09
N ALA B 43 -16.33 20.47 -7.14
CA ALA B 43 -16.31 19.74 -8.45
C ALA B 43 -14.88 19.67 -9.12
N ILE B 44 -14.12 20.74 -8.99
CA ILE B 44 -12.75 20.77 -9.53
C ILE B 44 -11.94 19.81 -8.74
N CYS B 45 -12.05 19.84 -7.40
CA CYS B 45 -11.31 18.88 -6.57
C CYS B 45 -11.67 17.45 -6.87
N THR B 46 -12.94 17.18 -7.09
CA THR B 46 -13.36 15.83 -7.35
C THR B 46 -12.80 15.32 -8.67
N HIS B 47 -12.92 16.15 -9.69
CA HIS B 47 -12.42 15.79 -11.06
C HIS B 47 -10.91 15.56 -11.05
N LEU B 48 -10.18 16.41 -10.36
CA LEU B 48 -8.74 16.30 -10.20
C LEU B 48 -8.45 15.00 -9.49
N GLU B 49 -9.14 14.77 -8.37
CA GLU B 49 -8.85 13.53 -7.65
C GLU B 49 -9.08 12.27 -8.51
N VAL B 50 -10.17 12.22 -9.23
CA VAL B 50 -10.47 11.06 -10.13
C VAL B 50 -9.33 10.91 -11.16
N CYS B 51 -8.84 12.03 -11.71
CA CYS B 51 -7.79 11.92 -12.72
C CYS B 51 -6.55 11.29 -12.09
N PHE B 52 -6.18 11.69 -10.89
CA PHE B 52 -4.97 11.11 -10.23
C PHE B 52 -5.26 9.66 -9.84
N MET B 53 -6.50 9.37 -9.43
CA MET B 53 -6.85 7.96 -9.06
C MET B 53 -6.77 7.07 -10.28
N TYR B 54 -6.97 7.63 -11.47
CA TYR B 54 -7.14 6.83 -12.69
C TYR B 54 -5.79 6.32 -13.09
N SER B 55 -4.79 7.14 -12.88
CA SER B 55 -3.40 6.81 -13.22
C SER B 55 -2.62 6.13 -12.10
N ASP B 56 -2.92 6.44 -10.84
CA ASP B 56 -2.21 5.84 -9.72
C ASP B 56 -2.06 4.25 -9.81
N PHE B 57 -0.85 3.79 -9.54
CA PHE B 57 -0.51 2.38 -9.53
C PHE B 57 -0.38 1.74 -10.88
N HIS B 58 -0.68 2.45 -11.98
CA HIS B 58 -0.49 1.84 -13.30
C HIS B 58 0.80 2.19 -13.98
N PHE B 59 1.51 1.14 -14.42
CA PHE B 59 2.79 1.30 -15.06
C PHE B 59 2.83 0.38 -16.28
N ILE B 60 3.93 0.44 -17.04
CA ILE B 60 4.15 -0.38 -18.23
C ILE B 60 5.50 -1.05 -18.00
N ASP B 61 5.57 -2.37 -18.10
CA ASP B 61 6.90 -3.02 -17.92
C ASP B 61 7.73 -2.89 -19.18
N GLU B 62 9.01 -3.20 -19.01
CA GLU B 62 10.01 -3.29 -20.07
C GLU B 62 9.56 -4.14 -21.26
N ARG B 63 8.65 -5.07 -21.02
CA ARG B 63 7.97 -5.86 -22.03
C ARG B 63 6.87 -5.09 -22.73
N GLY B 64 6.51 -3.90 -22.23
CA GLY B 64 5.44 -3.12 -22.85
C GLY B 64 4.09 -3.54 -22.32
N GLU B 65 4.12 -4.38 -21.29
CA GLU B 65 2.88 -4.81 -20.68
C GLU B 65 2.46 -3.89 -19.53
N SER B 66 1.17 -3.53 -19.62
CA SER B 66 0.45 -2.87 -18.57
C SER B 66 0.48 -3.66 -17.29
N ILE B 67 1.02 -3.08 -16.20
CA ILE B 67 1.06 -3.71 -14.88
C ILE B 67 0.63 -2.80 -13.79
N ILE B 68 0.27 -3.42 -12.68
CA ILE B 68 -0.23 -2.75 -11.50
C ILE B 68 0.77 -2.95 -10.37
N VAL B 69 0.99 -1.92 -9.56
CA VAL B 69 2.03 -1.96 -8.54
C VAL B 69 1.62 -1.16 -7.32
N GLU B 70 1.63 -1.80 -6.14
CA GLU B 70 1.47 -1.10 -4.84
C GLU B 70 2.63 -1.44 -3.90
N ASN B 75 11.52 0.79 -5.86
CA ASN B 75 12.84 0.23 -6.07
C ASN B 75 13.34 0.59 -7.44
N ALA B 76 12.46 1.19 -8.23
CA ALA B 76 12.85 1.62 -9.56
C ALA B 76 11.87 2.57 -10.22
N LEU B 77 12.23 2.82 -11.47
CA LEU B 77 11.77 3.87 -12.34
C LEU B 77 10.97 3.21 -13.48
N LEU B 78 9.82 2.62 -13.17
CA LEU B 78 8.96 2.06 -14.21
C LEU B 78 8.31 3.17 -15.05
N LYS B 79 8.14 2.90 -16.36
CA LYS B 79 7.37 3.79 -17.24
C LYS B 79 5.97 3.96 -16.69
N HIS B 80 5.51 5.20 -16.58
CA HIS B 80 4.10 5.45 -16.16
C HIS B 80 3.16 5.05 -17.26
N ARG B 81 2.04 4.42 -16.95
CA ARG B 81 1.03 4.15 -17.99
C ARG B 81 0.33 5.41 -18.47
N PHE B 82 0.18 6.39 -17.58
CA PHE B 82 -0.49 7.65 -17.92
C PHE B 82 0.36 8.86 -17.65
N GLU B 83 0.19 9.86 -18.50
CA GLU B 83 0.51 11.24 -18.15
C GLU B 83 -0.78 11.99 -17.79
N ILE B 84 -0.72 12.83 -16.79
CA ILE B 84 -1.80 13.64 -16.36
C ILE B 84 -1.60 15.06 -16.84
N ILE B 85 -2.57 15.53 -17.61
CA ILE B 85 -2.58 16.90 -18.19
C ILE B 85 -3.40 17.84 -17.35
N GLU B 86 -4.52 17.33 -16.79
CA GLU B 86 -5.27 18.10 -15.81
C GLU B 86 -4.42 18.49 -14.63
N GLY B 87 -4.71 19.68 -14.13
CA GLY B 87 -3.99 20.22 -12.99
C GLY B 87 -2.86 21.17 -13.40
N ARG B 88 -2.37 21.08 -14.64
CA ARG B 88 -1.33 22.04 -15.08
C ARG B 88 -1.94 23.30 -15.61
N ASP B 89 -1.29 24.46 -15.42
CA ASP B 89 -1.82 25.63 -16.14
C ASP B 89 -1.68 25.47 -17.66
N ARG B 90 -2.26 26.39 -18.43
CA ARG B 90 -2.28 26.25 -19.89
C ARG B 90 -0.96 26.09 -20.60
N ILE B 91 0.04 26.83 -20.16
CA ILE B 91 1.30 26.85 -20.81
C ILE B 91 1.92 25.47 -20.51
N MET B 92 1.91 25.04 -19.25
CA MET B 92 2.50 23.75 -18.90
C MET B 92 1.73 22.57 -19.47
N ALA B 93 0.39 22.66 -19.42
CA ALA B 93 -0.45 21.66 -20.00
C ALA B 93 -0.11 21.52 -21.50
N TRP B 94 -0.06 22.62 -22.24
CA TRP B 94 0.35 22.51 -23.68
C TRP B 94 1.78 22.11 -23.91
N THR B 95 2.68 22.49 -22.99
CA THR B 95 4.08 22.00 -23.07
C THR B 95 4.10 20.45 -23.05
N VAL B 96 3.39 19.86 -22.10
CA VAL B 96 3.38 18.45 -21.96
C VAL B 96 2.61 17.76 -23.09
N VAL B 97 1.46 18.32 -23.52
CA VAL B 97 0.81 17.78 -24.67
C VAL B 97 1.72 17.77 -25.89
N ASN B 98 2.38 18.87 -26.16
CA ASN B 98 3.20 18.99 -27.36
C ASN B 98 4.38 18.05 -27.32
N SER B 99 4.83 17.73 -26.13
CA SER B 99 5.94 16.87 -26.00
C SER B 99 5.48 15.48 -26.37
N ILE B 100 4.30 15.09 -25.90
CA ILE B 100 3.77 13.77 -26.23
C ILE B 100 3.56 13.60 -27.72
N CYS B 101 2.88 14.55 -28.37
CA CYS B 101 2.75 14.53 -29.83
C CYS B 101 4.06 14.39 -30.60
N ASN B 102 5.10 15.05 -30.14
CA ASN B 102 6.41 14.93 -30.78
C ASN B 102 7.03 13.57 -30.69
N THR B 103 6.98 12.97 -29.53
CA THR B 103 7.66 11.71 -29.31
C THR B 103 6.82 10.53 -29.82
N THR B 104 5.46 10.59 -29.76
CA THR B 104 4.62 9.43 -30.12
C THR B 104 3.99 9.52 -31.50
N GLY B 105 3.94 10.72 -32.06
CA GLY B 105 3.19 10.90 -33.30
C GLY B 105 1.68 11.03 -33.25
N VAL B 106 1.02 10.87 -32.09
CA VAL B 106 -0.39 11.17 -32.07
C VAL B 106 -0.72 12.63 -32.42
N GLU B 107 -1.88 12.79 -33.01
CA GLU B 107 -2.42 14.08 -33.47
C GLU B 107 -2.66 15.00 -32.30
N LYS B 108 -2.40 16.30 -32.47
CA LYS B 108 -2.64 17.28 -31.43
C LYS B 108 -4.14 17.35 -31.27
N PRO B 109 -4.63 17.46 -30.05
CA PRO B 109 -6.09 17.47 -29.88
C PRO B 109 -6.56 18.88 -30.01
N LYS B 110 -7.84 19.09 -30.27
CA LYS B 110 -8.28 20.45 -30.40
C LYS B 110 -8.58 21.11 -29.05
N PHE B 111 -8.86 20.35 -28.00
CA PHE B 111 -8.98 20.89 -26.65
C PHE B 111 -7.99 20.22 -25.75
N LEU B 112 -7.73 20.80 -24.59
CA LEU B 112 -6.91 20.13 -23.62
C LEU B 112 -7.66 18.89 -23.12
N PRO B 113 -7.06 17.71 -23.26
CA PRO B 113 -7.51 16.51 -22.57
C PRO B 113 -7.04 16.40 -21.09
N ASP B 114 -7.39 15.31 -20.45
CA ASP B 114 -7.11 15.14 -19.05
C ASP B 114 -5.95 14.18 -18.85
N LEU B 115 -5.87 13.11 -19.68
CA LEU B 115 -4.76 12.16 -19.58
C LEU B 115 -4.20 11.75 -20.98
N TYR B 116 -2.98 11.22 -21.04
CA TYR B 116 -2.55 10.46 -22.15
C TYR B 116 -2.28 9.05 -21.68
N ASP B 117 -2.71 8.07 -22.46
CA ASP B 117 -2.56 6.62 -22.21
C ASP B 117 -1.42 6.18 -23.06
N TYR B 118 -0.27 5.99 -22.47
CA TYR B 118 0.88 5.59 -23.23
C TYR B 118 0.78 4.16 -23.76
N LYS B 119 -0.11 3.31 -23.26
CA LYS B 119 -0.21 1.98 -23.84
C LYS B 119 -1.10 1.97 -25.08
N GLU B 120 -2.26 2.59 -24.99
CA GLU B 120 -3.21 2.64 -26.14
C GLU B 120 -2.90 3.83 -27.03
N ASN B 121 -1.88 4.61 -26.68
CA ASN B 121 -1.54 5.84 -27.40
C ASN B 121 -2.72 6.73 -27.82
N ARG B 122 -3.51 7.16 -26.84
CA ARG B 122 -4.58 8.12 -27.07
C ARG B 122 -4.78 8.98 -25.86
N PHE B 123 -5.25 10.18 -26.09
CA PHE B 123 -5.69 11.09 -25.01
C PHE B 123 -7.02 10.59 -24.47
N ILE B 124 -7.36 11.00 -23.24
CA ILE B 124 -8.61 10.62 -22.58
C ILE B 124 -9.17 11.88 -21.90
N GLU B 125 -10.44 12.10 -22.10
CA GLU B 125 -11.23 13.10 -21.40
C GLU B 125 -11.99 12.38 -20.31
N ILE B 126 -11.86 12.86 -19.11
CA ILE B 126 -12.50 12.27 -17.96
C ILE B 126 -13.67 13.17 -17.57
N GLY B 127 -14.88 12.61 -17.44
CA GLY B 127 -16.05 13.36 -16.98
C GLY B 127 -16.50 12.83 -15.63
N VAL B 128 -16.91 13.72 -14.72
CA VAL B 128 -17.49 13.34 -13.47
C VAL B 128 -18.79 14.14 -13.34
N THR B 129 -19.92 13.46 -13.29
CA THR B 129 -21.20 14.19 -13.29
C THR B 129 -22.11 13.86 -12.12
N ARG B 130 -22.92 14.83 -11.71
CA ARG B 130 -23.92 14.56 -10.68
C ARG B 130 -25.29 14.44 -11.31
N ARG B 131 -25.32 14.47 -12.65
CA ARG B 131 -26.53 14.25 -13.42
C ARG B 131 -26.45 12.81 -13.89
N GLU B 132 -26.61 12.50 -15.18
CA GLU B 132 -26.53 11.08 -15.56
C GLU B 132 -25.63 10.86 -16.75
N VAL B 133 -24.93 9.75 -16.68
CA VAL B 133 -23.75 9.57 -17.49
C VAL B 133 -24.05 9.74 -18.97
N HIS B 134 -25.23 9.24 -19.38
CA HIS B 134 -25.59 9.25 -20.79
C HIS B 134 -25.66 10.66 -21.30
N ILE B 135 -26.45 11.49 -20.64
CA ILE B 135 -26.53 12.90 -21.04
C ILE B 135 -25.15 13.55 -21.09
N TYR B 136 -24.34 13.25 -20.07
CA TYR B 136 -22.99 13.89 -19.93
C TYR B 136 -22.01 13.35 -20.96
N TYR B 137 -22.04 12.03 -21.18
CA TYR B 137 -21.22 11.49 -22.29
C TYR B 137 -21.52 12.25 -23.56
N LEU B 138 -22.81 12.37 -23.90
CA LEU B 138 -23.20 12.96 -25.20
C LEU B 138 -22.76 14.38 -25.30
N GLU B 139 -22.97 15.16 -24.25
CA GLU B 139 -22.45 16.53 -24.22
C GLU B 139 -20.96 16.67 -24.53
N LYS B 140 -20.12 15.81 -23.94
CA LYS B 140 -18.68 15.86 -24.24
C LYS B 140 -18.33 15.35 -25.63
N ALA B 141 -19.00 14.27 -26.07
CA ALA B 141 -18.85 13.78 -27.47
C ALA B 141 -19.31 14.77 -28.53
N ASN B 142 -20.31 15.59 -28.25
CA ASN B 142 -20.66 16.63 -29.19
C ASN B 142 -19.51 17.55 -29.54
N LYS B 143 -18.72 17.91 -28.52
CA LYS B 143 -17.60 18.87 -28.69
C LYS B 143 -16.36 18.25 -29.36
N ILE B 144 -16.18 16.96 -29.19
CA ILE B 144 -15.05 16.24 -29.73
C ILE B 144 -15.51 15.56 -31.00
N LYS B 145 -14.71 15.61 -32.04
CA LYS B 145 -14.99 14.82 -33.26
C LYS B 145 -13.73 14.07 -33.68
N SER B 146 -12.62 14.41 -33.05
CA SER B 146 -11.57 13.46 -32.89
C SER B 146 -12.15 12.54 -31.87
N GLU B 147 -13.03 11.66 -32.33
CA GLU B 147 -13.29 10.47 -31.56
C GLU B 147 -11.92 9.75 -31.47
N LYS B 148 -10.81 10.52 -31.66
CA LYS B 148 -9.48 10.05 -31.24
C LYS B 148 -9.11 10.40 -29.78
N THR B 149 -9.85 11.34 -29.16
CA THR B 149 -9.88 11.41 -27.70
C THR B 149 -10.90 10.41 -27.16
N HIS B 150 -10.45 9.44 -26.40
CA HIS B 150 -11.35 8.55 -25.70
C HIS B 150 -12.04 9.29 -24.57
N ILE B 151 -13.35 9.06 -24.37
CA ILE B 151 -14.14 9.64 -23.29
C ILE B 151 -14.57 8.61 -22.20
N HIS B 152 -14.44 8.95 -20.95
CA HIS B 152 -14.82 8.05 -19.88
C HIS B 152 -15.51 8.96 -18.88
N ILE B 153 -16.81 8.73 -18.63
CA ILE B 153 -17.65 9.41 -17.63
C ILE B 153 -17.90 8.51 -16.37
N PHE B 154 -17.74 9.07 -15.16
CA PHE B 154 -18.18 8.47 -13.94
C PHE B 154 -19.32 9.36 -13.36
N SER B 155 -20.31 8.77 -12.72
CA SER B 155 -21.29 9.49 -11.86
C SER B 155 -21.03 9.31 -10.37
N PHE B 156 -21.75 10.08 -9.56
CA PHE B 156 -21.74 9.87 -8.11
C PHE B 156 -22.66 8.71 -7.70
N THR B 157 -23.60 8.36 -8.58
CA THR B 157 -24.46 7.19 -8.41
C THR B 157 -23.72 5.86 -8.64
N GLY B 158 -22.48 5.87 -9.13
CA GLY B 158 -21.73 4.62 -9.40
C GLY B 158 -21.82 4.09 -10.83
N GLU B 159 -22.46 4.84 -11.71
CA GLU B 159 -22.47 4.50 -13.10
C GLU B 159 -21.21 5.06 -13.79
N GLU B 160 -21.18 4.88 -15.11
CA GLU B 160 -19.94 4.92 -15.88
C GLU B 160 -20.29 4.68 -17.31
N MET B 161 -19.79 5.51 -18.21
CA MET B 161 -19.90 5.28 -19.64
C MET B 161 -18.57 5.63 -20.30
N ALA B 162 -18.16 4.81 -21.26
CA ALA B 162 -16.91 5.07 -21.98
C ALA B 162 -17.05 4.81 -23.48
N THR B 163 -16.26 5.53 -24.29
CA THR B 163 -16.17 5.29 -25.74
C THR B 163 -16.01 3.80 -26.07
N LYS B 164 -16.90 3.34 -26.96
CA LYS B 164 -16.98 1.96 -27.41
C LYS B 164 -17.08 0.96 -26.28
N ALA B 165 -17.66 1.35 -25.14
CA ALA B 165 -17.68 0.52 -23.97
C ALA B 165 -16.33 -0.07 -23.59
N ASP B 166 -15.26 0.67 -23.86
CA ASP B 166 -13.91 0.28 -23.51
C ASP B 166 -13.59 1.19 -22.30
N TYR B 167 -13.45 0.61 -21.12
CA TYR B 167 -13.30 1.34 -19.87
C TYR B 167 -11.85 1.42 -19.43
N THR B 168 -10.94 0.89 -20.24
CA THR B 168 -9.53 1.10 -20.12
C THR B 168 -8.98 0.38 -18.93
N LEU B 169 -9.47 0.64 -17.71
CA LEU B 169 -8.84 0.10 -16.50
C LEU B 169 -9.49 -1.23 -16.14
N ASP B 170 -8.81 -2.01 -15.32
CA ASP B 170 -9.41 -3.15 -14.63
C ASP B 170 -10.63 -2.69 -13.79
N GLU B 171 -11.50 -3.64 -13.52
CA GLU B 171 -12.69 -3.40 -12.71
C GLU B 171 -12.41 -2.91 -11.26
N GLU B 172 -11.32 -3.38 -10.62
CA GLU B 172 -11.00 -2.94 -9.23
C GLU B 172 -10.58 -1.47 -9.17
N SER B 173 -9.78 -1.01 -10.15
CA SER B 173 -9.44 0.41 -10.27
C SER B 173 -10.66 1.27 -10.44
N ARG B 174 -11.56 0.89 -11.36
CA ARG B 174 -12.81 1.63 -11.48
C ARG B 174 -13.69 1.69 -10.22
N ALA B 175 -13.65 0.60 -9.44
CA ALA B 175 -14.52 0.44 -8.26
C ALA B 175 -14.00 1.37 -7.22
N ARG B 176 -12.70 1.42 -7.13
CA ARG B 176 -11.99 2.37 -6.26
C ARG B 176 -12.46 3.83 -6.52
N ILE B 177 -12.41 4.25 -7.77
CA ILE B 177 -12.94 5.55 -8.14
C ILE B 177 -14.40 5.65 -7.75
N LYS B 178 -15.19 4.66 -8.14
CA LYS B 178 -16.65 4.71 -7.89
C LYS B 178 -16.96 4.70 -6.37
N THR B 179 -16.08 4.07 -5.61
CA THR B 179 -16.25 4.08 -4.20
C THR B 179 -15.94 5.45 -3.60
N ARG B 180 -14.88 6.09 -4.07
CA ARG B 180 -14.58 7.44 -3.58
C ARG B 180 -15.70 8.43 -3.90
N LEU B 181 -16.30 8.35 -5.09
CA LEU B 181 -17.41 9.24 -5.46
C LEU B 181 -18.67 9.02 -4.58
N PHE B 182 -19.05 7.78 -4.40
CA PHE B 182 -20.16 7.41 -3.50
C PHE B 182 -19.96 8.03 -2.10
N THR B 183 -18.74 7.92 -1.56
CA THR B 183 -18.35 8.41 -0.25
C THR B 183 -18.38 9.93 -0.16
N ILE B 184 -17.94 10.63 -1.20
CA ILE B 184 -18.02 12.11 -1.22
C ILE B 184 -19.48 12.54 -1.14
N ARG B 185 -20.32 11.90 -1.94
CA ARG B 185 -21.79 12.20 -1.94
C ARG B 185 -22.46 11.91 -0.59
N GLN B 186 -22.16 10.77 0.02
CA GLN B 186 -22.69 10.47 1.36
C GLN B 186 -22.24 11.52 2.36
N GLU B 187 -20.94 11.81 2.37
CA GLU B 187 -20.37 12.82 3.26
C GLU B 187 -21.03 14.18 3.04
N MET B 188 -21.32 14.53 1.78
CA MET B 188 -22.01 15.77 1.43
C MET B 188 -23.49 15.80 1.90
N ALA B 189 -24.27 14.77 1.55
CA ALA B 189 -25.67 14.69 1.94
C ALA B 189 -25.78 14.83 3.47
N SER B 190 -24.96 14.14 4.20
CA SER B 190 -25.14 14.20 5.63
C SER B 190 -24.83 15.57 6.20
N ARG B 191 -24.18 16.44 5.44
CA ARG B 191 -23.98 17.83 5.88
C ARG B 191 -24.93 18.77 5.17
N SER B 192 -25.99 18.25 4.58
CA SER B 192 -26.95 19.07 3.85
C SER B 192 -26.27 19.97 2.81
N LEU B 193 -25.15 19.50 2.24
CA LEU B 193 -24.45 20.18 1.14
C LEU B 193 -24.79 19.58 -0.21
N TRP B 194 -25.40 18.39 -0.22
CA TRP B 194 -25.56 17.65 -1.48
C TRP B 194 -26.59 18.22 -2.41
N ASP B 195 -27.75 18.65 -1.93
CA ASP B 195 -28.77 19.11 -2.89
C ASP B 195 -28.28 20.33 -3.71
N SER B 196 -27.61 21.26 -3.03
CA SER B 196 -27.03 22.44 -3.68
C SER B 196 -25.87 22.07 -4.65
N PHE B 197 -24.94 21.26 -4.14
CA PHE B 197 -23.84 20.83 -4.98
C PHE B 197 -24.41 20.28 -6.27
N ARG B 198 -25.44 19.45 -6.15
CA ARG B 198 -26.02 18.75 -7.29
C ARG B 198 -26.72 19.62 -8.28
N GLN B 199 -27.58 20.50 -7.79
CA GLN B 199 -28.33 21.34 -8.71
C GLN B 199 -27.44 22.37 -9.47
N SER B 200 -26.23 22.63 -8.95
CA SER B 200 -25.29 23.61 -9.55
C SER B 200 -24.54 23.15 -10.82
N GLU B 201 -24.72 21.91 -11.25
CA GLU B 201 -24.16 21.48 -12.52
C GLU B 201 -25.01 21.93 -13.70
N ARG B 202 -24.44 22.76 -14.56
CA ARG B 202 -24.97 22.99 -15.92
C ARG B 202 -23.87 22.68 -16.92
N ALA C 6 14.64 -26.90 23.37
CA ALA C 6 15.86 -26.22 22.79
C ALA C 6 15.54 -25.91 21.32
N MET C 7 15.99 -24.76 20.84
CA MET C 7 16.03 -24.46 19.44
C MET C 7 16.54 -25.66 18.61
N GLU C 8 17.56 -26.39 19.05
CA GLU C 8 18.12 -27.49 18.23
C GLU C 8 17.10 -28.59 17.96
N ASP C 9 16.36 -28.99 18.98
CA ASP C 9 15.25 -29.94 18.84
C ASP C 9 14.16 -29.41 17.92
N PHE C 10 13.78 -28.15 18.16
CA PHE C 10 12.83 -27.48 17.27
C PHE C 10 13.23 -27.65 15.78
N VAL C 11 14.41 -27.17 15.44
CA VAL C 11 14.91 -27.27 14.08
C VAL C 11 14.77 -28.67 13.55
N ARG C 12 15.15 -29.63 14.37
CA ARG C 12 15.17 -31.01 13.96
C ARG C 12 13.81 -31.58 13.82
N GLN C 13 12.81 -30.94 14.37
CA GLN C 13 11.48 -31.41 14.10
C GLN C 13 10.62 -30.48 13.22
N CYS C 14 11.11 -29.28 12.93
CA CYS C 14 10.34 -28.33 12.12
C CYS C 14 10.68 -28.46 10.64
N PHE C 15 11.90 -28.94 10.33
CA PHE C 15 12.46 -28.88 8.97
C PHE C 15 12.66 -30.29 8.48
N ASN C 16 12.48 -30.46 7.19
CA ASN C 16 12.79 -31.69 6.50
C ASN C 16 14.24 -32.11 6.83
N PRO C 17 14.51 -33.43 7.06
CA PRO C 17 15.90 -33.89 7.31
C PRO C 17 17.02 -33.58 6.25
N MET C 18 16.64 -33.45 4.99
CA MET C 18 17.56 -33.03 3.96
C MET C 18 18.07 -31.63 4.19
N ILE C 19 17.15 -30.71 4.41
CA ILE C 19 17.47 -29.37 4.78
C ILE C 19 18.32 -29.36 6.03
N VAL C 20 17.99 -30.17 7.04
CA VAL C 20 18.86 -30.24 8.25
C VAL C 20 20.24 -30.69 7.89
N GLU C 21 20.35 -31.73 7.07
CA GLU C 21 21.66 -32.28 6.72
C GLU C 21 22.46 -31.28 5.95
N LEU C 22 21.81 -30.51 5.06
CA LEU C 22 22.57 -29.55 4.30
C LEU C 22 22.97 -28.32 5.15
N ALA C 23 22.15 -27.91 6.10
CA ALA C 23 22.56 -26.85 7.08
C ALA C 23 23.77 -27.26 7.97
N GLU C 24 23.78 -28.51 8.44
CA GLU C 24 24.83 -29.04 9.28
C GLU C 24 26.12 -28.90 8.48
N LYS C 25 26.07 -29.25 7.20
CA LYS C 25 27.27 -29.16 6.39
C LYS C 25 27.76 -27.71 6.18
N ALA C 26 26.83 -26.78 6.04
CA ALA C 26 27.16 -25.39 5.82
C ALA C 26 27.74 -24.79 7.09
N MET C 27 27.16 -25.11 8.24
CA MET C 27 27.75 -24.64 9.49
C MET C 27 29.17 -25.24 9.67
N LYS C 28 29.36 -26.54 9.50
CA LYS C 28 30.70 -27.13 9.59
C LYS C 28 31.67 -26.46 8.64
N GLU C 29 31.24 -26.16 7.42
CA GLU C 29 32.12 -25.56 6.40
C GLU C 29 32.73 -24.24 6.89
N TYR C 30 31.92 -23.45 7.58
CA TYR C 30 32.34 -22.16 8.06
C TYR C 30 32.71 -22.19 9.56
N GLY C 31 32.94 -23.39 10.11
CA GLY C 31 33.47 -23.53 11.47
C GLY C 31 32.47 -23.18 12.54
N GLU C 32 31.21 -23.48 12.31
CA GLU C 32 30.18 -23.16 13.28
C GLU C 32 29.61 -24.44 13.84
N ASP C 33 29.08 -24.38 15.05
CA ASP C 33 28.50 -25.53 15.65
C ASP C 33 27.03 -25.30 15.88
N PRO C 34 26.21 -26.19 15.32
CA PRO C 34 24.74 -26.02 15.36
C PRO C 34 24.21 -26.18 16.77
N LYS C 35 24.93 -26.96 17.57
CA LYS C 35 24.50 -27.26 18.94
C LYS C 35 24.74 -26.05 19.81
N ILE C 36 25.64 -25.16 19.38
CA ILE C 36 25.91 -23.92 20.10
C ILE C 36 25.15 -22.75 19.47
N GLU C 37 25.33 -22.51 18.17
CA GLU C 37 24.71 -21.34 17.60
C GLU C 37 23.40 -21.82 17.02
N THR C 38 22.45 -22.02 17.91
CA THR C 38 21.21 -22.68 17.54
C THR C 38 20.24 -21.78 16.76
N ASN C 39 20.32 -20.46 16.91
CA ASN C 39 19.44 -19.54 16.17
C ASN C 39 19.92 -19.42 14.73
N LYS C 40 21.24 -19.44 14.59
CA LYS C 40 21.90 -19.46 13.34
C LYS C 40 21.43 -20.70 12.56
N PHE C 41 21.47 -21.83 13.23
CA PHE C 41 21.07 -23.12 12.70
C PHE C 41 19.65 -23.01 12.14
N ALA C 42 18.75 -22.39 12.92
CA ALA C 42 17.39 -22.20 12.48
C ALA C 42 17.34 -21.26 11.25
N ALA C 43 18.20 -20.26 11.22
CA ALA C 43 18.23 -19.21 10.18
C ALA C 43 18.73 -19.77 8.86
N ILE C 44 19.79 -20.55 8.92
CA ILE C 44 20.27 -21.27 7.78
C ILE C 44 19.19 -22.22 7.22
N CYS C 45 18.53 -22.98 8.10
CA CYS C 45 17.52 -23.93 7.67
C CYS C 45 16.39 -23.20 6.95
N THR C 46 15.98 -22.05 7.52
CA THR C 46 14.91 -21.27 6.91
C THR C 46 15.30 -20.78 5.48
N HIS C 47 16.48 -20.20 5.38
CA HIS C 47 16.95 -19.60 4.12
C HIS C 47 17.07 -20.67 3.04
N LEU C 48 17.62 -21.82 3.42
CA LEU C 48 17.76 -22.91 2.48
C LEU C 48 16.35 -23.34 2.05
N GLU C 49 15.46 -23.49 3.00
CA GLU C 49 14.13 -23.90 2.66
C GLU C 49 13.46 -22.96 1.67
N VAL C 50 13.64 -21.67 1.91
CA VAL C 50 13.05 -20.65 1.04
C VAL C 50 13.60 -20.77 -0.37
N CYS C 51 14.90 -21.00 -0.50
CA CYS C 51 15.52 -21.10 -1.81
C CYS C 51 15.01 -22.35 -2.58
N PHE C 52 14.90 -23.47 -1.89
CA PHE C 52 14.34 -24.66 -2.54
C PHE C 52 12.87 -24.46 -2.95
N MET C 53 12.11 -23.83 -2.11
CA MET C 53 10.68 -23.57 -2.36
C MET C 53 10.50 -22.61 -3.55
N TYR C 54 11.46 -21.72 -3.76
CA TYR C 54 11.40 -20.69 -4.78
C TYR C 54 11.54 -21.42 -6.07
N SER C 55 12.37 -22.44 -6.05
CA SER C 55 12.55 -23.29 -7.22
C SER C 55 11.40 -24.25 -7.53
N ASP C 56 10.77 -24.80 -6.50
CA ASP C 56 9.80 -25.88 -6.63
C ASP C 56 8.70 -25.56 -7.65
N PHE C 57 8.43 -26.49 -8.57
CA PHE C 57 7.25 -26.43 -9.43
C PHE C 57 7.45 -25.48 -10.63
N HIS C 58 8.67 -24.97 -10.80
CA HIS C 58 8.99 -24.04 -11.91
C HIS C 58 9.92 -24.66 -12.87
N PHE C 59 9.45 -24.79 -14.13
CA PHE C 59 10.21 -25.46 -15.19
C PHE C 59 10.36 -24.60 -16.45
N ILE C 60 11.22 -25.02 -17.38
CA ILE C 60 11.24 -24.45 -18.75
C ILE C 60 11.28 -25.61 -19.73
N ASP C 61 10.71 -25.39 -20.92
CA ASP C 61 10.84 -26.33 -22.01
C ASP C 61 11.98 -25.90 -22.89
N GLU C 62 12.23 -26.65 -23.95
CA GLU C 62 13.31 -26.39 -24.86
C GLU C 62 13.14 -25.09 -25.63
N ARG C 63 11.93 -24.57 -25.70
CA ARG C 63 11.69 -23.29 -26.35
C ARG C 63 11.91 -22.10 -25.43
N GLY C 64 12.23 -22.36 -24.17
CA GLY C 64 12.52 -21.27 -23.23
C GLY C 64 11.35 -20.76 -22.47
N GLU C 65 10.19 -21.39 -22.64
CA GLU C 65 8.98 -20.95 -22.01
C GLU C 65 8.96 -21.50 -20.59
N SER C 66 8.61 -20.65 -19.65
CA SER C 66 8.34 -21.05 -18.28
C SER C 66 7.08 -21.89 -18.22
N ILE C 67 7.11 -22.92 -17.40
CA ILE C 67 5.98 -23.80 -17.13
C ILE C 67 5.88 -24.08 -15.60
N ILE C 68 4.68 -23.96 -15.05
CA ILE C 68 4.45 -24.33 -13.68
C ILE C 68 3.85 -25.73 -13.64
N VAL C 69 4.55 -26.63 -13.01
CA VAL C 69 4.08 -27.98 -12.86
C VAL C 69 4.02 -28.33 -11.38
N GLU C 70 2.82 -28.46 -10.84
CA GLU C 70 2.69 -28.76 -9.41
C GLU C 70 3.02 -30.20 -9.04
N SER C 71 4.28 -30.61 -9.29
CA SER C 71 4.81 -31.92 -8.91
C SER C 71 6.36 -31.92 -8.99
N GLY C 72 6.98 -33.00 -8.50
CA GLY C 72 8.44 -33.16 -8.57
C GLY C 72 8.76 -34.63 -8.62
N PRO C 74 7.16 -35.39 -12.60
CA PRO C 74 6.53 -34.46 -13.52
C PRO C 74 6.40 -35.06 -14.93
N ASN C 75 5.15 -35.22 -15.40
CA ASN C 75 4.81 -36.06 -16.59
C ASN C 75 4.91 -35.28 -17.92
N ALA C 76 6.15 -34.97 -18.29
CA ALA C 76 6.47 -34.02 -19.35
C ALA C 76 7.99 -33.90 -19.58
N LEU C 77 8.40 -33.41 -20.74
CA LEU C 77 9.84 -33.15 -21.03
C LEU C 77 10.31 -31.70 -20.68
N LEU C 78 11.01 -31.55 -19.55
CA LEU C 78 11.20 -30.26 -18.89
C LEU C 78 12.54 -30.17 -18.17
N LYS C 79 13.06 -28.94 -18.02
CA LYS C 79 14.24 -28.70 -17.19
C LYS C 79 13.86 -27.79 -16.03
N HIS C 80 14.67 -27.79 -14.98
CA HIS C 80 14.45 -26.78 -13.92
C HIS C 80 14.68 -25.39 -14.45
N ARG C 81 13.75 -24.51 -14.15
CA ARG C 81 13.93 -23.09 -14.46
C ARG C 81 15.11 -22.51 -13.67
N PHE C 82 15.26 -22.88 -12.40
CA PHE C 82 16.36 -22.32 -11.61
C PHE C 82 17.46 -23.32 -11.33
N GLU C 83 18.70 -22.83 -11.36
CA GLU C 83 19.83 -23.51 -10.75
C GLU C 83 19.96 -23.09 -9.29
N ILE C 84 19.99 -24.06 -8.38
CA ILE C 84 20.20 -23.74 -6.97
C ILE C 84 21.69 -23.73 -6.62
N ILE C 85 22.20 -22.56 -6.23
CA ILE C 85 23.61 -22.37 -5.84
C ILE C 85 23.74 -22.47 -4.34
N GLU C 86 22.80 -21.88 -3.63
CA GLU C 86 22.74 -22.07 -2.18
C GLU C 86 22.75 -23.58 -1.84
N GLY C 87 23.48 -23.93 -0.77
CA GLY C 87 23.55 -25.29 -0.27
C GLY C 87 24.78 -26.04 -0.72
N ARG C 88 25.29 -25.76 -1.92
CA ARG C 88 26.59 -26.31 -2.35
C ARG C 88 27.69 -25.67 -1.54
N ASP C 89 28.82 -26.37 -1.45
CA ASP C 89 30.00 -25.80 -0.81
C ASP C 89 30.51 -24.69 -1.70
N ARG C 90 31.33 -23.82 -1.13
CA ARG C 90 31.80 -22.65 -1.91
C ARG C 90 32.50 -22.93 -3.19
N ILE C 91 33.33 -23.95 -3.22
CA ILE C 91 34.04 -24.28 -4.43
C ILE C 91 33.12 -24.76 -5.53
N MET C 92 32.24 -25.70 -5.20
CA MET C 92 31.18 -26.12 -6.15
C MET C 92 30.27 -24.96 -6.52
N ALA C 93 29.90 -24.14 -5.55
CA ALA C 93 29.13 -22.92 -5.87
C ALA C 93 29.80 -22.03 -6.94
N TRP C 94 31.08 -21.74 -6.76
CA TRP C 94 31.79 -20.88 -7.71
C TRP C 94 31.94 -21.54 -9.05
N THR C 95 32.07 -22.86 -9.07
CA THR C 95 32.19 -23.65 -10.30
C THR C 95 30.94 -23.60 -11.15
N VAL C 96 29.80 -23.79 -10.53
CA VAL C 96 28.55 -23.63 -11.19
C VAL C 96 28.39 -22.14 -11.60
N VAL C 97 28.67 -21.20 -10.70
CA VAL C 97 28.50 -19.80 -11.13
C VAL C 97 29.32 -19.54 -12.39
N ASN C 98 30.55 -20.06 -12.41
CA ASN C 98 31.48 -19.80 -13.52
C ASN C 98 31.09 -20.48 -14.81
N SER C 99 30.68 -21.74 -14.70
CA SER C 99 30.18 -22.45 -15.85
C SER C 99 28.96 -21.75 -16.47
N ILE C 100 28.13 -21.09 -15.68
CA ILE C 100 26.96 -20.41 -16.21
C ILE C 100 27.39 -19.15 -16.92
N CYS C 101 28.30 -18.43 -16.28
CA CYS C 101 28.89 -17.19 -16.83
C CYS C 101 29.61 -17.40 -18.18
N ASN C 102 30.25 -18.54 -18.36
CA ASN C 102 30.79 -18.89 -19.65
C ASN C 102 29.71 -19.24 -20.66
N THR C 103 28.78 -20.12 -20.28
CA THR C 103 27.75 -20.60 -21.20
C THR C 103 26.77 -19.52 -21.69
N THR C 104 26.64 -18.43 -20.95
CA THR C 104 25.59 -17.50 -21.23
C THR C 104 26.08 -16.07 -21.40
N GLY C 105 27.31 -15.78 -21.00
CA GLY C 105 27.81 -14.40 -21.03
C GLY C 105 27.22 -13.46 -19.97
N VAL C 106 26.55 -13.98 -18.95
CA VAL C 106 26.10 -13.10 -17.88
C VAL C 106 27.33 -12.63 -17.13
N GLU C 107 27.32 -11.39 -16.67
CA GLU C 107 28.41 -10.86 -15.85
C GLU C 107 28.54 -11.67 -14.55
N LYS C 108 29.78 -11.94 -14.17
CA LYS C 108 30.14 -12.72 -13.00
C LYS C 108 30.06 -11.84 -11.79
N PRO C 109 29.26 -12.24 -10.76
CA PRO C 109 29.06 -11.45 -9.54
C PRO C 109 30.23 -11.54 -8.60
N LYS C 110 30.28 -10.63 -7.63
CA LYS C 110 31.38 -10.57 -6.67
C LYS C 110 31.16 -11.51 -5.47
N PHE C 111 29.91 -11.59 -5.01
CA PHE C 111 29.53 -12.50 -3.99
C PHE C 111 28.67 -13.61 -4.55
N LEU C 112 28.67 -14.75 -3.87
CA LEU C 112 27.88 -15.88 -4.39
C LEU C 112 26.45 -15.50 -4.30
N PRO C 113 25.70 -15.66 -5.37
CA PRO C 113 24.23 -15.59 -5.28
C PRO C 113 23.58 -16.89 -4.81
N ASP C 114 22.26 -16.91 -4.74
CA ASP C 114 21.49 -18.07 -4.32
C ASP C 114 20.94 -18.97 -5.40
N LEU C 115 20.49 -18.35 -6.49
CA LEU C 115 19.81 -19.00 -7.63
C LEU C 115 20.26 -18.37 -8.95
N TYR C 116 20.14 -19.09 -10.06
CA TYR C 116 20.21 -18.50 -11.40
C TYR C 116 18.95 -18.87 -12.11
N ASP C 117 18.31 -17.81 -12.65
CA ASP C 117 17.07 -17.92 -13.43
C ASP C 117 17.45 -18.15 -14.87
N TYR C 118 17.27 -19.37 -15.39
CA TYR C 118 17.51 -19.64 -16.80
C TYR C 118 16.44 -18.97 -17.71
N LYS C 119 15.28 -18.55 -17.21
CA LYS C 119 14.32 -17.84 -18.08
C LYS C 119 14.78 -16.39 -18.31
N GLU C 120 15.14 -15.65 -17.25
CA GLU C 120 15.47 -14.22 -17.34
C GLU C 120 16.95 -13.99 -17.41
N ASN C 121 17.70 -15.09 -17.42
CA ASN C 121 19.14 -15.05 -17.42
C ASN C 121 19.70 -13.98 -16.48
N ARG C 122 19.45 -14.16 -15.19
CA ARG C 122 20.04 -13.37 -14.14
C ARG C 122 20.21 -14.20 -12.84
N PHE C 123 21.19 -13.81 -12.01
CA PHE C 123 21.37 -14.36 -10.68
C PHE C 123 20.44 -13.71 -9.72
N ILE C 124 20.06 -14.46 -8.70
CA ILE C 124 19.15 -13.98 -7.66
C ILE C 124 19.74 -14.13 -6.27
N GLU C 125 19.55 -13.08 -5.45
CA GLU C 125 19.88 -13.10 -4.05
C GLU C 125 18.57 -13.18 -3.30
N ILE C 126 18.37 -14.27 -2.57
CA ILE C 126 17.26 -14.43 -1.65
C ILE C 126 17.64 -13.95 -0.27
N GLY C 127 16.80 -13.10 0.30
CA GLY C 127 16.99 -12.60 1.67
C GLY C 127 15.83 -13.10 2.48
N VAL C 128 16.07 -13.50 3.72
CA VAL C 128 14.99 -13.87 4.63
C VAL C 128 15.32 -13.15 5.97
N THR C 129 14.42 -12.30 6.44
CA THR C 129 14.78 -11.37 7.53
C THR C 129 13.76 -11.52 8.62
N ARG C 130 14.19 -11.43 9.86
CA ARG C 130 13.21 -11.24 10.93
C ARG C 130 13.04 -9.75 11.31
N ARG C 131 13.78 -8.87 10.64
CA ARG C 131 13.61 -7.41 10.79
C ARG C 131 12.66 -6.98 9.69
N GLU C 132 12.37 -5.69 9.56
CA GLU C 132 11.52 -5.26 8.46
C GLU C 132 12.36 -5.20 7.22
N VAL C 133 11.69 -5.31 6.07
CA VAL C 133 12.38 -5.57 4.79
C VAL C 133 13.31 -4.47 4.29
N HIS C 134 12.96 -3.19 4.51
CA HIS C 134 13.79 -2.14 3.94
C HIS C 134 15.11 -2.03 4.68
N ILE C 135 15.09 -2.18 6.00
CA ILE C 135 16.42 -2.20 6.70
C ILE C 135 17.30 -3.27 6.05
N TYR C 136 16.72 -4.43 5.78
CA TYR C 136 17.49 -5.54 5.28
C TYR C 136 17.89 -5.26 3.83
N TYR C 137 16.90 -5.04 2.96
CA TYR C 137 17.16 -4.58 1.60
C TYR C 137 18.27 -3.56 1.60
N LEU C 138 18.15 -2.51 2.42
CA LEU C 138 19.18 -1.43 2.44
C LEU C 138 20.55 -2.01 2.66
N GLU C 139 20.80 -2.68 3.77
CA GLU C 139 22.13 -3.29 4.00
C GLU C 139 22.64 -4.12 2.78
N LYS C 140 21.79 -5.04 2.32
CA LYS C 140 22.20 -5.91 1.21
C LYS C 140 22.37 -5.18 -0.13
N ALA C 141 21.49 -4.24 -0.46
CA ALA C 141 21.66 -3.42 -1.69
C ALA C 141 23.00 -2.63 -1.65
N ASN C 142 23.39 -2.10 -0.49
CA ASN C 142 24.73 -1.47 -0.31
C ASN C 142 25.99 -2.32 -0.59
N LYS C 143 25.95 -3.61 -0.29
CA LYS C 143 27.04 -4.53 -0.64
C LYS C 143 27.15 -4.80 -2.15
N ILE C 144 26.01 -4.98 -2.82
CA ILE C 144 25.93 -5.46 -4.21
C ILE C 144 26.04 -4.39 -5.27
N LYS C 145 25.65 -3.16 -4.92
CA LYS C 145 25.87 -1.97 -5.76
C LYS C 145 24.88 -1.88 -6.92
N GLU C 147 26.70 -6.13 -9.31
CA GLU C 147 25.44 -5.43 -9.13
C GLU C 147 24.36 -5.70 -10.19
N LYS C 148 24.49 -6.77 -10.95
CA LYS C 148 23.40 -7.11 -11.84
C LYS C 148 22.53 -8.24 -11.28
N THR C 149 22.60 -8.45 -9.98
CA THR C 149 22.04 -9.58 -9.30
C THR C 149 20.73 -9.07 -8.76
N HIS C 150 19.68 -9.81 -9.03
CA HIS C 150 18.35 -9.40 -8.69
C HIS C 150 18.16 -9.82 -7.26
N ILE C 151 17.52 -8.98 -6.47
CA ILE C 151 17.40 -9.17 -5.04
C ILE C 151 15.92 -9.47 -4.74
N HIS C 152 15.66 -10.47 -3.90
CA HIS C 152 14.31 -10.74 -3.50
C HIS C 152 14.31 -11.08 -2.03
N ILE C 153 13.69 -10.19 -1.26
CA ILE C 153 13.62 -10.28 0.21
C ILE C 153 12.28 -10.71 0.78
N PHE C 154 12.30 -11.72 1.66
CA PHE C 154 11.09 -12.10 2.42
C PHE C 154 11.28 -11.81 3.92
N SER C 155 10.19 -11.50 4.62
CA SER C 155 10.24 -11.35 6.06
C SER C 155 9.23 -12.27 6.71
N PHE C 156 9.34 -12.51 8.01
CA PHE C 156 8.34 -13.34 8.65
C PHE C 156 7.02 -12.61 8.85
N THR C 157 7.02 -11.29 8.67
CA THR C 157 5.80 -10.51 8.76
C THR C 157 4.91 -10.63 7.51
N GLY C 158 5.47 -10.97 6.35
CA GLY C 158 4.63 -11.16 5.16
C GLY C 158 5.06 -10.22 4.08
N GLU C 159 5.87 -9.25 4.48
CA GLU C 159 6.38 -8.29 3.53
C GLU C 159 7.39 -8.99 2.61
N GLU C 160 7.33 -8.64 1.32
CA GLU C 160 8.39 -8.90 0.35
C GLU C 160 9.00 -7.63 -0.12
N MET C 161 10.22 -7.67 -0.61
CA MET C 161 10.70 -6.59 -1.45
C MET C 161 11.63 -7.19 -2.48
N ALA C 162 11.49 -6.77 -3.73
CA ALA C 162 12.41 -7.13 -4.79
C ALA C 162 12.77 -5.98 -5.76
N THR C 163 14.03 -5.93 -6.12
CA THR C 163 14.52 -5.16 -7.26
C THR C 163 13.47 -4.88 -8.32
N LYS C 164 13.09 -3.61 -8.42
CA LYS C 164 12.14 -3.09 -9.44
C LYS C 164 10.71 -3.53 -9.28
N ALA C 165 10.31 -3.86 -8.05
CA ALA C 165 9.05 -4.53 -7.81
C ALA C 165 8.81 -5.65 -8.83
N ASP C 166 9.90 -6.29 -9.25
CA ASP C 166 9.81 -7.45 -10.12
C ASP C 166 10.04 -8.74 -9.26
N TYR C 167 8.96 -9.42 -8.96
CA TYR C 167 8.96 -10.54 -8.02
C TYR C 167 9.23 -11.87 -8.70
N THR C 168 9.42 -11.92 -10.03
CA THR C 168 9.89 -13.12 -10.71
C THR C 168 8.78 -14.20 -10.80
N LEU C 169 8.30 -14.67 -9.65
CA LEU C 169 7.41 -15.77 -9.56
C LEU C 169 5.97 -15.25 -9.54
N ASP C 170 5.04 -16.09 -9.91
CA ASP C 170 3.59 -15.91 -9.69
C ASP C 170 3.15 -15.72 -8.23
N GLU C 171 2.01 -15.08 -8.03
CA GLU C 171 1.53 -14.70 -6.71
C GLU C 171 1.44 -15.94 -5.80
N GLU C 172 0.88 -17.02 -6.37
CA GLU C 172 0.57 -18.23 -5.65
C GLU C 172 1.83 -18.82 -5.03
N SER C 173 2.86 -19.00 -5.84
CA SER C 173 4.14 -19.51 -5.37
C SER C 173 4.67 -18.65 -4.26
N ARG C 174 4.56 -17.34 -4.39
CA ARG C 174 5.01 -16.47 -3.30
C ARG C 174 4.13 -16.61 -2.05
N ALA C 175 2.82 -16.75 -2.22
CA ALA C 175 1.94 -16.90 -1.07
C ALA C 175 2.32 -18.16 -0.27
N ARG C 176 2.77 -19.19 -0.99
CA ARG C 176 3.17 -20.47 -0.42
C ARG C 176 4.41 -20.31 0.45
N ILE C 177 5.37 -19.55 -0.04
CA ILE C 177 6.54 -19.23 0.75
C ILE C 177 6.16 -18.42 1.98
N LYS C 178 5.19 -17.52 1.85
CA LYS C 178 4.87 -16.63 2.97
C LYS C 178 4.14 -17.41 4.06
N THR C 179 3.22 -18.24 3.63
CA THR C 179 2.52 -19.10 4.55
C THR C 179 3.45 -19.97 5.37
N ARG C 180 4.51 -20.51 4.75
CA ARG C 180 5.54 -21.28 5.48
C ARG C 180 6.30 -20.43 6.51
N LEU C 181 6.71 -19.27 6.08
CA LEU C 181 7.31 -18.34 7.02
C LEU C 181 6.39 -18.05 8.23
N PHE C 182 5.08 -17.77 7.99
CA PHE C 182 4.13 -17.56 9.12
C PHE C 182 4.03 -18.81 9.96
N THR C 183 3.86 -19.95 9.28
CA THR C 183 3.88 -21.24 9.95
C THR C 183 5.10 -21.45 10.83
N ILE C 184 6.34 -21.31 10.32
CA ILE C 184 7.56 -21.37 11.17
C ILE C 184 7.51 -20.41 12.34
N ARG C 185 6.97 -19.23 12.13
CA ARG C 185 6.92 -18.25 13.20
C ARG C 185 5.93 -18.67 14.30
N GLN C 186 4.77 -19.18 13.87
CA GLN C 186 3.71 -19.55 14.80
C GLN C 186 4.15 -20.73 15.65
N GLU C 187 4.88 -21.65 15.03
CA GLU C 187 5.38 -22.83 15.71
C GLU C 187 6.38 -22.35 16.74
N MET C 188 7.34 -21.51 16.33
CA MET C 188 8.36 -21.07 17.28
C MET C 188 7.66 -20.40 18.47
N ALA C 189 6.68 -19.55 18.19
CA ALA C 189 6.02 -18.74 19.23
C ALA C 189 5.32 -19.62 20.27
N SER C 190 4.65 -20.67 19.82
CA SER C 190 3.86 -21.46 20.75
C SER C 190 4.78 -22.36 21.57
N ARG C 191 6.06 -22.42 21.19
CA ARG C 191 7.12 -22.99 22.04
C ARG C 191 7.97 -21.91 22.67
N SER C 192 7.52 -20.65 22.62
CA SER C 192 8.22 -19.60 23.36
C SER C 192 9.65 -19.36 22.88
N LEU C 193 9.99 -19.85 21.70
CA LEU C 193 11.32 -19.59 21.10
C LEU C 193 11.37 -18.41 20.14
N TRP C 194 10.20 -17.91 19.74
CA TRP C 194 10.12 -16.84 18.71
C TRP C 194 10.92 -15.60 19.07
N ASP C 195 10.82 -15.17 20.34
CA ASP C 195 11.43 -13.91 20.82
C ASP C 195 12.93 -13.86 20.62
N SER C 196 13.61 -14.83 21.21
CA SER C 196 15.07 -14.96 21.12
C SER C 196 15.58 -15.04 19.65
N PHE C 197 14.84 -15.76 18.79
CA PHE C 197 15.16 -15.88 17.34
C PHE C 197 15.02 -14.55 16.62
N ARG C 198 13.86 -13.92 16.77
CA ARG C 198 13.64 -12.57 16.22
C ARG C 198 14.72 -11.60 16.70
N GLN C 199 15.12 -11.71 17.97
CA GLN C 199 16.11 -10.81 18.56
C GLN C 199 17.54 -10.94 18.03
N SER C 200 17.90 -12.14 17.61
CA SER C 200 19.29 -12.47 17.27
C SER C 200 19.82 -11.92 15.92
N GLU C 201 18.96 -11.62 14.94
CA GLU C 201 19.46 -11.14 13.62
C GLU C 201 20.14 -9.80 13.82
N ARG C 202 21.45 -9.76 13.70
CA ARG C 202 22.23 -8.65 14.29
C ARG C 202 21.99 -7.28 13.65
N ALA D 6 -13.94 -33.37 0.15
CA ALA D 6 -15.26 -32.70 0.26
C ALA D 6 -14.89 -31.42 1.00
N MET D 7 -15.65 -30.40 0.66
CA MET D 7 -15.55 -29.13 1.31
C MET D 7 -16.16 -29.29 2.69
N GLU D 8 -17.10 -30.22 2.86
CA GLU D 8 -17.72 -30.42 4.18
C GLU D 8 -16.72 -30.87 5.24
N ASP D 9 -15.91 -31.84 4.88
CA ASP D 9 -14.91 -32.36 5.76
C ASP D 9 -13.79 -31.42 6.04
N PHE D 10 -13.32 -30.72 5.02
CA PHE D 10 -12.43 -29.63 5.24
C PHE D 10 -12.96 -28.69 6.36
N VAL D 11 -14.21 -28.27 6.27
CA VAL D 11 -14.76 -27.30 7.23
C VAL D 11 -14.73 -27.85 8.63
N ARG D 12 -15.13 -29.12 8.77
CA ARG D 12 -15.21 -29.74 10.08
C ARG D 12 -13.84 -29.98 10.66
N GLN D 13 -12.81 -30.10 9.83
CA GLN D 13 -11.44 -30.18 10.37
C GLN D 13 -10.70 -28.86 10.41
N CYS D 14 -11.07 -27.85 9.61
CA CYS D 14 -10.33 -26.58 9.63
C CYS D 14 -10.74 -25.64 10.77
N PHE D 15 -12.04 -25.60 11.10
CA PHE D 15 -12.60 -24.65 12.07
C PHE D 15 -12.85 -25.23 13.45
N ASN D 16 -12.65 -24.42 14.46
CA ASN D 16 -13.04 -24.78 15.80
C ASN D 16 -14.49 -25.35 15.80
N PRO D 17 -14.75 -26.45 16.50
CA PRO D 17 -16.11 -26.99 16.60
C PRO D 17 -17.17 -26.02 17.15
N MET D 18 -16.80 -25.05 17.97
CA MET D 18 -17.75 -24.03 18.39
C MET D 18 -18.23 -23.23 17.20
N ILE D 19 -17.32 -22.87 16.29
CA ILE D 19 -17.67 -22.14 15.09
C ILE D 19 -18.56 -22.98 14.24
N VAL D 20 -18.17 -24.26 14.02
CA VAL D 20 -18.94 -25.15 13.20
C VAL D 20 -20.43 -25.29 13.66
N GLU D 21 -20.66 -25.46 14.95
CA GLU D 21 -22.01 -25.59 15.49
C GLU D 21 -22.83 -24.31 15.24
N LEU D 22 -22.23 -23.15 15.50
CA LEU D 22 -22.94 -21.88 15.24
C LEU D 22 -23.21 -21.75 13.77
N ALA D 23 -22.30 -22.16 12.91
CA ALA D 23 -22.57 -22.13 11.42
C ALA D 23 -23.67 -23.04 10.95
N GLU D 24 -23.73 -24.25 11.51
CA GLU D 24 -24.82 -25.23 11.23
C GLU D 24 -26.14 -24.66 11.65
N LYS D 25 -26.20 -24.12 12.87
CA LYS D 25 -27.45 -23.45 13.29
C LYS D 25 -27.85 -22.29 12.38
N ALA D 26 -26.91 -21.52 11.83
CA ALA D 26 -27.31 -20.38 11.01
C ALA D 26 -27.90 -20.89 9.70
N MET D 27 -27.22 -21.85 9.10
CA MET D 27 -27.70 -22.40 7.85
C MET D 27 -29.10 -22.96 8.05
N LYS D 28 -29.33 -23.68 9.14
CA LYS D 28 -30.68 -24.22 9.42
C LYS D 28 -31.71 -23.11 9.60
N GLU D 29 -31.31 -22.03 10.25
CA GLU D 29 -32.21 -20.90 10.45
C GLU D 29 -32.61 -20.38 9.07
N TYR D 30 -31.69 -20.38 8.12
CA TYR D 30 -31.95 -19.87 6.79
C TYR D 30 -32.38 -20.95 5.82
N GLY D 31 -32.62 -22.17 6.30
CA GLY D 31 -33.09 -23.25 5.45
C GLY D 31 -32.07 -23.79 4.44
N GLU D 32 -30.79 -23.62 4.70
CA GLU D 32 -29.81 -24.16 3.82
C GLU D 32 -29.24 -25.37 4.52
N ASP D 33 -28.67 -26.25 3.72
CA ASP D 33 -28.14 -27.53 4.16
C ASP D 33 -26.61 -27.45 4.08
N PRO D 34 -25.95 -27.52 5.23
CA PRO D 34 -24.49 -27.52 5.20
C PRO D 34 -23.87 -28.61 4.31
N LYS D 35 -24.61 -29.71 4.12
CA LYS D 35 -24.16 -30.84 3.30
C LYS D 35 -24.28 -30.64 1.80
N ILE D 36 -25.16 -29.74 1.38
CA ILE D 36 -25.37 -29.48 -0.04
C ILE D 36 -24.67 -28.15 -0.45
N GLU D 37 -24.89 -27.09 0.35
CA GLU D 37 -24.35 -25.76 0.07
C GLU D 37 -23.03 -25.59 0.81
N THR D 38 -22.04 -26.40 0.46
CA THR D 38 -20.83 -26.52 1.25
C THR D 38 -19.88 -25.33 1.19
N ASN D 39 -19.90 -24.59 0.09
CA ASN D 39 -19.09 -23.37 -0.05
C ASN D 39 -19.64 -22.28 0.86
N LYS D 40 -20.96 -22.26 0.99
CA LYS D 40 -21.63 -21.32 1.83
C LYS D 40 -21.38 -21.63 3.32
N PHE D 41 -21.32 -22.93 3.65
CA PHE D 41 -20.97 -23.41 4.95
C PHE D 41 -19.54 -22.94 5.33
N ALA D 42 -18.61 -22.98 4.38
CA ALA D 42 -17.23 -22.57 4.64
C ALA D 42 -17.13 -21.08 4.84
N ALA D 43 -17.96 -20.36 4.10
CA ALA D 43 -17.98 -18.90 4.10
C ALA D 43 -18.53 -18.39 5.43
N ILE D 44 -19.59 -19.04 5.92
CA ILE D 44 -20.22 -18.68 7.20
C ILE D 44 -19.26 -18.90 8.35
N CYS D 45 -18.51 -20.01 8.31
CA CYS D 45 -17.54 -20.34 9.34
C CYS D 45 -16.41 -19.28 9.42
N THR D 46 -15.92 -18.90 8.25
CA THR D 46 -14.88 -17.88 8.10
C THR D 46 -15.32 -16.51 8.60
N HIS D 47 -16.48 -16.11 8.14
CA HIS D 47 -17.04 -14.83 8.55
C HIS D 47 -17.25 -14.79 10.08
N LEU D 48 -17.78 -15.87 10.64
CA LEU D 48 -17.90 -15.94 12.14
C LEU D 48 -16.55 -15.81 12.80
N GLU D 49 -15.59 -16.63 12.37
CA GLU D 49 -14.26 -16.56 12.96
C GLU D 49 -13.67 -15.19 12.89
N VAL D 50 -13.77 -14.52 11.73
CA VAL D 50 -13.24 -13.18 11.61
C VAL D 50 -13.94 -12.20 12.59
N CYS D 51 -15.28 -12.28 12.74
CA CYS D 51 -15.99 -11.44 13.74
C CYS D 51 -15.46 -11.64 15.16
N PHE D 52 -15.30 -12.91 15.54
CA PHE D 52 -14.72 -13.23 16.85
C PHE D 52 -13.30 -12.76 17.02
N MET D 53 -12.45 -12.98 16.06
CA MET D 53 -11.04 -12.53 16.14
C MET D 53 -10.95 -11.00 16.20
N TYR D 54 -11.94 -10.31 15.68
CA TYR D 54 -11.86 -8.87 15.69
C TYR D 54 -12.16 -8.34 17.06
N SER D 55 -13.05 -8.99 17.78
CA SER D 55 -13.43 -8.49 19.11
C SER D 55 -12.56 -9.07 20.22
N ASP D 56 -12.13 -10.31 20.05
CA ASP D 56 -11.27 -11.01 21.02
C ASP D 56 -10.20 -10.07 21.61
N PHE D 57 -9.98 -10.19 22.91
CA PHE D 57 -8.98 -9.39 23.61
C PHE D 57 -9.24 -7.91 23.63
N HIS D 58 -10.45 -7.44 23.24
CA HIS D 58 -10.76 -6.02 23.37
C HIS D 58 -11.68 -5.65 24.51
N PHE D 59 -11.25 -4.68 25.29
CA PHE D 59 -11.85 -4.36 26.55
C PHE D 59 -11.91 -2.86 26.75
N ILE D 60 -12.71 -2.45 27.70
CA ILE D 60 -12.83 -1.06 28.09
C ILE D 60 -12.72 -1.08 29.58
N ASP D 61 -12.04 -0.07 30.16
CA ASP D 61 -11.85 0.02 31.61
C ASP D 61 -12.89 0.98 32.16
N GLU D 62 -12.84 1.23 33.46
CA GLU D 62 -13.85 2.04 34.13
C GLU D 62 -13.77 3.53 33.71
N ARG D 63 -12.60 4.01 33.32
CA ARG D 63 -12.45 5.38 32.73
C ARG D 63 -12.85 5.43 31.25
N GLY D 64 -13.25 4.30 30.66
CA GLY D 64 -13.65 4.26 29.26
C GLY D 64 -12.49 4.12 28.29
N GLU D 65 -11.32 3.69 28.77
CA GLU D 65 -10.15 3.68 27.89
C GLU D 65 -10.16 2.34 27.20
N SER D 66 -9.65 2.27 26.00
CA SER D 66 -9.41 0.98 25.33
C SER D 66 -8.30 0.26 25.99
N ILE D 67 -8.48 -1.04 26.09
CA ILE D 67 -7.38 -1.86 26.45
C ILE D 67 -7.49 -3.18 25.73
N ILE D 68 -6.33 -3.60 25.27
CA ILE D 68 -6.20 -4.77 24.38
C ILE D 68 -5.18 -5.64 25.02
N VAL D 69 -5.66 -6.79 25.51
CA VAL D 69 -4.86 -7.72 26.32
C VAL D 69 -5.54 -9.09 26.31
N GLU D 70 -4.77 -10.16 26.19
CA GLU D 70 -5.26 -11.51 26.55
C GLU D 70 -5.67 -11.69 28.07
N SER D 71 -6.96 -11.71 28.38
CA SER D 71 -7.42 -11.85 29.78
C SER D 71 -8.74 -12.62 29.91
N GLY D 72 -8.79 -13.58 30.84
CA GLY D 72 -10.02 -14.24 31.22
C GLY D 72 -10.55 -13.83 32.58
N ASP D 73 -10.02 -12.74 33.15
CA ASP D 73 -10.20 -12.47 34.59
C ASP D 73 -11.30 -11.45 34.89
N PRO D 74 -12.42 -11.94 35.46
CA PRO D 74 -13.54 -11.17 36.02
C PRO D 74 -13.14 -10.22 37.12
N ASN D 75 -12.03 -10.54 37.82
CA ASN D 75 -11.40 -9.64 38.81
C ASN D 75 -10.85 -8.39 38.13
N ALA D 76 -10.58 -8.48 36.82
CA ALA D 76 -10.05 -7.33 36.06
C ALA D 76 -11.12 -6.27 35.96
N LEU D 77 -10.73 -5.02 36.21
CA LEU D 77 -11.68 -3.95 36.13
C LEU D 77 -11.79 -3.61 34.65
N LEU D 78 -12.36 -4.57 33.90
CA LEU D 78 -12.51 -4.53 32.44
C LEU D 78 -13.87 -5.13 32.01
N LYS D 79 -14.38 -4.70 30.88
CA LYS D 79 -15.61 -5.22 30.28
C LYS D 79 -15.36 -5.29 28.80
N HIS D 80 -15.90 -6.32 28.15
CA HIS D 80 -15.84 -6.49 26.71
C HIS D 80 -16.07 -5.25 26.00
N ARG D 81 -15.21 -4.95 25.05
CA ARG D 81 -15.41 -3.74 24.23
C ARG D 81 -16.60 -3.81 23.27
N PHE D 82 -16.76 -4.94 22.59
CA PHE D 82 -17.78 -5.11 21.57
C PHE D 82 -18.90 -6.04 22.06
N GLU D 83 -20.12 -5.70 21.64
CA GLU D 83 -21.20 -6.69 21.69
C GLU D 83 -21.17 -7.46 20.37
N ILE D 84 -21.09 -8.79 20.44
CA ILE D 84 -21.13 -9.57 19.26
C ILE D 84 -22.60 -9.89 18.86
N ILE D 85 -23.00 -9.41 17.67
CA ILE D 85 -24.37 -9.64 17.15
C ILE D 85 -24.34 -10.89 16.26
N GLU D 86 -23.33 -11.01 15.41
CA GLU D 86 -23.15 -12.22 14.60
C GLU D 86 -23.08 -13.48 15.47
N GLY D 87 -23.55 -14.58 14.94
CA GLY D 87 -23.64 -15.81 15.69
C GLY D 87 -24.99 -16.01 16.31
N ARG D 88 -25.61 -14.93 16.77
CA ARG D 88 -26.94 -15.05 17.37
C ARG D 88 -27.97 -15.30 16.32
N ASP D 89 -29.08 -15.93 16.69
CA ASP D 89 -30.15 -16.06 15.67
C ASP D 89 -30.77 -14.67 15.46
N ARG D 90 -31.39 -14.48 14.31
CA ARG D 90 -31.84 -13.13 13.98
C ARG D 90 -32.75 -12.50 15.01
N ILE D 91 -33.61 -13.29 15.67
CA ILE D 91 -34.57 -12.73 16.63
C ILE D 91 -33.83 -12.15 17.82
N MET D 92 -32.89 -12.94 18.37
CA MET D 92 -32.06 -12.52 19.50
C MET D 92 -31.17 -11.37 19.06
N ALA D 93 -30.69 -11.43 17.81
CA ALA D 93 -29.87 -10.34 17.26
C ALA D 93 -30.62 -9.00 17.25
N TRP D 94 -31.85 -8.97 16.70
CA TRP D 94 -32.65 -7.75 16.75
C TRP D 94 -33.01 -7.31 18.13
N THR D 95 -33.21 -8.23 19.05
CA THR D 95 -33.49 -7.88 20.46
C THR D 95 -32.30 -7.16 21.07
N VAL D 96 -31.09 -7.70 20.85
CA VAL D 96 -29.88 -7.01 21.34
C VAL D 96 -29.70 -5.64 20.74
N VAL D 97 -29.84 -5.55 19.42
CA VAL D 97 -29.73 -4.28 18.75
C VAL D 97 -30.71 -3.23 19.33
N ASN D 98 -31.96 -3.62 19.50
CA ASN D 98 -33.00 -2.71 19.96
C ASN D 98 -32.67 -2.30 21.39
N SER D 99 -32.27 -3.29 22.20
CA SER D 99 -31.87 -2.99 23.52
C SER D 99 -30.73 -1.97 23.56
N ILE D 100 -29.80 -2.05 22.61
CA ILE D 100 -28.66 -1.17 22.62
C ILE D 100 -29.07 0.25 22.27
N CYS D 101 -29.78 0.39 21.15
CA CYS D 101 -30.31 1.68 20.69
C CYS D 101 -31.17 2.39 21.74
N ASN D 102 -31.99 1.61 22.46
CA ASN D 102 -32.85 2.16 23.47
C ASN D 102 -32.08 2.62 24.70
N THR D 103 -30.84 2.17 24.88
CA THR D 103 -30.05 2.58 26.06
C THR D 103 -29.11 3.73 25.72
N THR D 104 -28.63 3.70 24.49
CA THR D 104 -27.46 4.41 24.04
C THR D 104 -27.89 5.55 23.19
N GLY D 105 -29.12 5.48 22.69
CA GLY D 105 -29.65 6.53 21.86
C GLY D 105 -29.11 6.45 20.48
N VAL D 106 -28.33 5.43 20.16
CA VAL D 106 -27.73 5.41 18.82
C VAL D 106 -28.77 4.99 17.81
N GLU D 107 -28.68 5.55 16.61
CA GLU D 107 -29.65 5.29 15.52
C GLU D 107 -29.78 3.79 15.21
N LYS D 108 -31.01 3.27 14.97
CA LYS D 108 -31.15 1.84 14.60
C LYS D 108 -30.79 1.63 13.18
N PRO D 109 -30.02 0.56 12.85
CA PRO D 109 -29.67 0.31 11.46
C PRO D 109 -30.79 -0.44 10.77
N LYS D 110 -30.76 -0.46 9.44
CA LYS D 110 -31.81 -1.15 8.65
C LYS D 110 -31.52 -2.62 8.37
N PHE D 111 -30.24 -2.98 8.51
CA PHE D 111 -29.76 -4.33 8.38
C PHE D 111 -29.03 -4.70 9.68
N LEU D 112 -29.04 -5.99 10.01
CA LEU D 112 -28.38 -6.43 11.20
C LEU D 112 -26.89 -6.23 10.96
N PRO D 113 -26.18 -5.57 11.89
CA PRO D 113 -24.73 -5.52 11.94
C PRO D 113 -24.07 -6.75 12.57
N ASP D 114 -22.75 -6.76 12.58
CA ASP D 114 -21.96 -7.82 13.21
C ASP D 114 -21.57 -7.57 14.64
N LEU D 115 -21.29 -6.32 14.98
CA LEU D 115 -20.74 -5.96 16.28
C LEU D 115 -21.28 -4.60 16.71
N TYR D 116 -21.31 -4.33 18.00
CA TYR D 116 -21.48 -2.98 18.49
C TYR D 116 -20.25 -2.63 19.34
N ASP D 117 -19.68 -1.47 19.06
CA ASP D 117 -18.56 -0.95 19.80
C ASP D 117 -19.06 -0.04 20.92
N TYR D 118 -19.01 -0.51 22.16
CA TYR D 118 -19.44 0.28 23.33
C TYR D 118 -18.51 1.47 23.62
N LYS D 119 -17.32 1.48 23.02
CA LYS D 119 -16.42 2.62 23.23
C LYS D 119 -16.80 3.80 22.33
N GLU D 120 -16.87 3.56 21.04
CA GLU D 120 -17.22 4.62 20.11
C GLU D 120 -18.73 4.70 19.90
N ASN D 121 -19.52 3.87 20.58
CA ASN D 121 -20.96 3.85 20.40
C ASN D 121 -21.38 3.86 18.93
N ARG D 122 -20.88 2.91 18.17
CA ARG D 122 -21.38 2.70 16.83
C ARG D 122 -21.41 1.21 16.47
N PHE D 123 -22.22 0.87 15.50
CA PHE D 123 -22.31 -0.49 15.03
C PHE D 123 -21.26 -0.67 13.99
N ILE D 124 -20.83 -1.97 13.78
CA ILE D 124 -19.88 -2.33 12.79
C ILE D 124 -20.40 -3.50 11.94
N GLU D 125 -20.10 -3.42 10.66
CA GLU D 125 -20.34 -4.50 9.72
C GLU D 125 -19.00 -5.00 9.28
N ILE D 126 -18.78 -6.31 9.30
CA ILE D 126 -17.55 -6.93 8.85
C ILE D 126 -17.79 -7.73 7.60
N GLY D 127 -16.93 -7.59 6.61
CA GLY D 127 -17.08 -8.35 5.37
C GLY D 127 -15.81 -9.07 5.09
N VAL D 128 -15.95 -10.27 4.55
CA VAL D 128 -14.84 -11.10 4.17
C VAL D 128 -15.16 -11.56 2.75
N THR D 129 -14.24 -11.33 1.82
CA THR D 129 -14.54 -11.59 0.38
C THR D 129 -13.39 -12.35 -0.27
N ARG D 130 -13.72 -13.19 -1.22
CA ARG D 130 -12.70 -13.73 -2.09
C ARG D 130 -12.65 -12.93 -3.43
N ARG D 131 -13.32 -11.80 -3.50
CA ARG D 131 -13.20 -10.89 -4.64
C ARG D 131 -12.28 -9.72 -4.27
N GLU D 132 -12.30 -8.66 -5.04
CA GLU D 132 -11.47 -7.50 -4.75
C GLU D 132 -12.23 -6.61 -3.82
N VAL D 133 -11.54 -5.93 -2.92
CA VAL D 133 -12.25 -5.25 -1.83
C VAL D 133 -13.22 -4.10 -2.25
N HIS D 134 -12.91 -3.32 -3.30
CA HIS D 134 -13.76 -2.19 -3.66
C HIS D 134 -14.96 -2.67 -4.43
N ILE D 135 -14.77 -3.69 -5.26
CA ILE D 135 -15.88 -4.34 -5.94
C ILE D 135 -16.82 -4.85 -4.85
N TYR D 136 -16.29 -5.63 -3.90
CA TYR D 136 -17.13 -6.11 -2.83
C TYR D 136 -17.89 -4.98 -2.16
N TYR D 137 -17.16 -3.99 -1.68
CA TYR D 137 -17.74 -2.76 -1.09
C TYR D 137 -18.83 -2.09 -1.94
N LEU D 138 -18.57 -1.80 -3.21
CA LEU D 138 -19.59 -1.14 -4.00
C LEU D 138 -20.94 -1.68 -3.58
N GLU D 139 -21.15 -2.98 -3.73
CA GLU D 139 -22.48 -3.59 -3.42
C GLU D 139 -22.93 -3.33 -1.96
N LYS D 140 -22.15 -3.82 -1.00
CA LYS D 140 -22.42 -3.64 0.45
C LYS D 140 -22.79 -2.21 0.89
N ALA D 141 -22.05 -1.20 0.41
CA ALA D 141 -22.33 0.20 0.77
C ALA D 141 -23.69 0.71 0.21
N ASN D 142 -24.07 0.25 -0.98
CA ASN D 142 -25.38 0.55 -1.59
C ASN D 142 -26.62 -0.01 -0.85
N LYS D 143 -26.40 -0.96 0.04
CA LYS D 143 -27.48 -1.44 0.90
C LYS D 143 -27.53 -0.48 2.08
N ILE D 144 -26.44 -0.44 2.85
CA ILE D 144 -26.32 0.53 3.95
C ILE D 144 -26.21 1.97 3.38
N LYS D 145 -27.18 2.34 2.54
CA LYS D 145 -27.26 3.67 1.90
C LYS D 145 -26.57 4.74 2.71
N GLU D 147 -26.31 3.89 7.38
CA GLU D 147 -25.19 4.56 6.77
C GLU D 147 -24.15 5.07 7.77
N LYS D 148 -24.53 5.21 9.05
CA LYS D 148 -23.56 5.51 10.14
C LYS D 148 -22.86 4.23 10.69
N THR D 149 -23.15 3.11 10.06
CA THR D 149 -22.51 1.85 10.31
C THR D 149 -21.10 1.83 9.69
N HIS D 150 -20.07 1.72 10.52
CA HIS D 150 -18.73 1.54 10.08
C HIS D 150 -18.56 0.18 9.44
N ILE D 151 -18.03 0.12 8.22
CA ILE D 151 -17.79 -1.11 7.50
C ILE D 151 -16.30 -1.41 7.49
N HIS D 152 -15.92 -2.66 7.69
CA HIS D 152 -14.51 -3.05 7.59
C HIS D 152 -14.45 -4.30 6.80
N ILE D 153 -13.74 -4.28 5.67
CA ILE D 153 -13.64 -5.43 4.76
C ILE D 153 -12.29 -6.08 4.72
N PHE D 154 -12.21 -7.42 4.71
CA PHE D 154 -10.96 -8.16 4.53
C PHE D 154 -11.03 -9.12 3.34
N SER D 155 -9.93 -9.29 2.61
CA SER D 155 -9.84 -10.31 1.54
C SER D 155 -8.91 -11.43 1.94
N PHE D 156 -9.07 -12.58 1.28
CA PHE D 156 -8.17 -13.70 1.47
C PHE D 156 -6.73 -13.43 0.99
N THR D 157 -6.57 -12.41 0.18
CA THR D 157 -5.26 -12.03 -0.38
C THR D 157 -4.46 -11.09 0.56
N GLY D 158 -5.12 -10.44 1.51
CA GLY D 158 -4.46 -9.58 2.46
C GLY D 158 -4.85 -8.12 2.29
N GLU D 159 -5.70 -7.83 1.31
CA GLU D 159 -6.27 -6.49 1.17
C GLU D 159 -7.28 -6.20 2.27
N GLU D 160 -7.49 -4.92 2.49
CA GLU D 160 -8.27 -4.44 3.60
C GLU D 160 -8.84 -3.07 3.24
N MET D 161 -10.09 -2.75 3.58
CA MET D 161 -10.50 -1.32 3.59
C MET D 161 -11.62 -1.08 4.55
N ALA D 162 -11.81 0.17 4.91
CA ALA D 162 -12.64 0.56 5.98
C ALA D 162 -13.08 1.99 5.77
N THR D 163 -14.36 2.28 5.99
CA THR D 163 -14.94 3.61 6.22
C THR D 163 -14.12 4.57 7.08
N LYS D 164 -14.29 5.88 6.79
CA LYS D 164 -13.65 6.98 7.54
C LYS D 164 -13.78 6.85 9.06
N ALA D 165 -12.65 6.81 9.77
CA ALA D 165 -12.65 6.88 11.24
C ALA D 165 -11.35 7.51 11.76
N ASP D 166 -11.35 7.92 13.02
CA ASP D 166 -10.14 8.35 13.70
C ASP D 166 -9.13 7.22 13.89
N TYR D 167 -9.63 6.05 14.34
CA TYR D 167 -8.81 4.90 14.68
C TYR D 167 -9.26 3.68 13.89
N THR D 168 -8.36 2.71 13.86
CA THR D 168 -8.62 1.44 13.23
C THR D 168 -8.20 0.38 14.25
N LEU D 169 -8.48 -0.87 13.91
CA LEU D 169 -8.08 -2.03 14.68
C LEU D 169 -6.55 -2.03 14.82
N ASP D 170 -6.02 -2.35 15.99
CA ASP D 170 -4.59 -2.54 16.25
C ASP D 170 -3.96 -3.55 15.31
N GLU D 171 -2.66 -3.39 15.06
CA GLU D 171 -1.92 -4.21 14.08
C GLU D 171 -1.86 -5.70 14.43
N GLU D 172 -1.87 -6.08 15.69
CA GLU D 172 -1.87 -7.49 16.02
C GLU D 172 -3.21 -8.12 15.61
N SER D 173 -4.31 -7.48 15.97
CA SER D 173 -5.59 -8.07 15.61
C SER D 173 -5.73 -8.14 14.08
N ARG D 174 -5.26 -7.15 13.35
CA ARG D 174 -5.35 -7.20 11.89
C ARG D 174 -4.46 -8.32 11.31
N ALA D 175 -3.26 -8.47 11.86
CA ALA D 175 -2.33 -9.50 11.41
C ALA D 175 -2.98 -10.85 11.59
N ARG D 176 -3.48 -11.07 12.79
CA ARG D 176 -4.05 -12.34 13.14
C ARG D 176 -5.13 -12.66 12.10
N ILE D 177 -6.02 -11.73 11.80
CA ILE D 177 -7.10 -12.03 10.88
C ILE D 177 -6.56 -12.32 9.49
N LYS D 178 -5.64 -11.51 8.98
CA LYS D 178 -5.09 -11.76 7.63
C LYS D 178 -4.31 -13.07 7.54
N THR D 179 -3.57 -13.43 8.57
CA THR D 179 -2.82 -14.66 8.51
C THR D 179 -3.73 -15.88 8.46
N ARG D 180 -4.74 -15.85 9.30
CA ARG D 180 -5.75 -16.90 9.30
C ARG D 180 -6.44 -17.01 7.93
N LEU D 181 -6.74 -15.89 7.27
CA LEU D 181 -7.40 -15.94 5.97
C LEU D 181 -6.48 -16.56 4.93
N PHE D 182 -5.21 -16.13 4.91
CA PHE D 182 -4.16 -16.69 4.06
C PHE D 182 -4.06 -18.21 4.25
N THR D 183 -3.89 -18.62 5.51
CA THR D 183 -3.93 -20.04 5.85
C THR D 183 -5.13 -20.77 5.24
N ILE D 184 -6.33 -20.34 5.58
CA ILE D 184 -7.51 -20.99 5.03
C ILE D 184 -7.36 -21.12 3.52
N ARG D 185 -7.01 -20.04 2.86
CA ARG D 185 -6.89 -20.06 1.41
C ARG D 185 -5.94 -21.17 0.90
N GLN D 186 -4.71 -21.21 1.44
CA GLN D 186 -3.73 -22.25 1.15
C GLN D 186 -4.25 -23.66 1.44
N GLU D 187 -4.77 -23.88 2.64
CA GLU D 187 -5.29 -25.18 2.99
C GLU D 187 -6.31 -25.61 1.94
N MET D 188 -7.23 -24.73 1.57
CA MET D 188 -8.23 -25.03 0.54
C MET D 188 -7.61 -25.35 -0.84
N ALA D 189 -6.55 -24.62 -1.18
CA ALA D 189 -5.86 -24.80 -2.47
C ALA D 189 -5.15 -26.17 -2.54
N SER D 190 -4.34 -26.52 -1.55
CA SER D 190 -3.71 -27.83 -1.51
C SER D 190 -4.70 -29.00 -1.66
N ARG D 191 -5.92 -28.83 -1.16
CA ARG D 191 -6.98 -29.82 -1.32
C ARG D 191 -7.81 -29.66 -2.61
N SER D 192 -7.42 -28.73 -3.47
CA SER D 192 -8.11 -28.45 -4.73
C SER D 192 -9.53 -27.95 -4.55
N LEU D 193 -9.77 -27.20 -3.48
CA LEU D 193 -11.13 -26.70 -3.21
C LEU D 193 -11.27 -25.21 -3.49
N TRP D 194 -10.15 -24.53 -3.59
CA TRP D 194 -10.18 -23.08 -3.58
C TRP D 194 -10.91 -22.43 -4.73
N ASP D 195 -10.85 -23.01 -5.93
CA ASP D 195 -11.39 -22.31 -7.11
C ASP D 195 -12.91 -22.37 -7.10
N SER D 196 -13.43 -23.50 -6.67
CA SER D 196 -14.86 -23.63 -6.50
C SER D 196 -15.35 -22.66 -5.42
N PHE D 197 -14.62 -22.54 -4.33
CA PHE D 197 -15.03 -21.65 -3.25
C PHE D 197 -14.99 -20.21 -3.72
N ARG D 198 -13.84 -19.81 -4.27
CA ARG D 198 -13.68 -18.46 -4.81
C ARG D 198 -14.78 -18.14 -5.83
N GLN D 199 -15.00 -19.01 -6.81
CA GLN D 199 -15.98 -18.74 -7.89
C GLN D 199 -17.41 -18.60 -7.41
N SER D 200 -17.75 -19.26 -6.31
CA SER D 200 -19.13 -19.28 -5.84
C SER D 200 -19.58 -18.00 -5.09
N GLU D 201 -18.66 -17.06 -4.78
CA GLU D 201 -19.09 -15.79 -4.18
C GLU D 201 -19.78 -14.92 -5.22
N ARG D 202 -20.96 -14.42 -4.88
CA ARG D 202 -21.75 -13.55 -5.76
C ARG D 202 -22.34 -12.36 -5.00
N GLY D 203 -22.90 -11.40 -5.75
CA GLY D 203 -23.46 -10.17 -5.17
C GLY D 203 -24.97 -10.18 -5.04
CL2 SL6 E . 15.69 28.18 7.42
C19 SL6 E . 14.40 28.33 6.17
C18 SL6 E . 14.43 29.35 5.22
C17 SL6 E . 13.41 29.44 4.28
C20 SL6 E . 13.38 27.38 6.18
C21 SL6 E . 12.37 27.48 5.24
C16 SL6 E . 12.41 28.47 4.28
C15 SL6 E . 11.29 28.59 3.33
C11 SL6 E . 11.20 27.70 2.10
C10 SL6 E . 12.27 28.10 1.07
C9 SL6 E . 11.73 28.22 -0.36
C14 SL6 E . 11.27 26.22 2.49
O27 SL6 E . 10.22 25.67 2.80
C22 SL6 E . 12.60 25.56 2.42
C23 SL6 E . 12.95 24.27 2.61
O28 SL6 E . 12.04 23.39 2.96
C24 SL6 E . 14.38 23.86 2.44
O26 SL6 E . 14.71 22.67 2.65
O25 SL6 E . 15.24 24.73 2.11
C12 SL6 E . 9.80 28.05 1.56
C13 SL6 E . 9.48 27.41 0.22
N8 SL6 E . 10.61 27.30 -0.70
C7 SL6 E . 10.03 27.54 -2.05
C2 SL6 E . 11.05 27.42 -3.20
C3 SL6 E . 10.47 26.53 -4.31
C4 SL6 E . 11.31 26.62 -5.59
C5 SL6 E . 11.53 28.05 -6.07
C6 SL6 E . 12.24 28.86 -4.98
C1 SL6 E . 11.41 28.85 -3.70
MN MN F . 12.86 21.59 3.95
MN MN G . 9.85 23.74 3.52
CL2 SL6 H . -15.27 18.61 -24.34
C19 SL6 H . -14.04 19.64 -23.54
C18 SL6 H . -14.17 21.04 -23.51
C17 SL6 H . -13.21 21.82 -22.87
C20 SL6 H . -12.96 19.03 -22.90
C21 SL6 H . -12.00 19.83 -22.27
C16 SL6 H . -12.12 21.21 -22.24
C15 SL6 H . -11.07 22.03 -21.55
C11 SL6 H . -11.30 22.34 -20.07
C10 SL6 H . -12.56 23.19 -19.85
C9 SL6 H . -12.62 23.87 -18.48
C14 SL6 H . -11.29 21.08 -19.16
O27 SL6 H . -10.22 20.57 -18.91
C22 SL6 H . -12.53 20.41 -18.67
C23 SL6 H . -12.65 19.16 -18.10
O28 SL6 H . -11.63 18.38 -17.85
C24 SL6 H . -13.99 18.59 -17.74
O26 SL6 H . -14.17 17.38 -17.40
O25 SL6 H . -14.98 19.30 -17.92
C12 SL6 H . -10.16 23.30 -19.79
C13 SL6 H . -10.10 23.78 -18.37
N8 SL6 H . -11.39 23.82 -17.64
C7 SL6 H . -11.24 25.04 -16.81
C2 SL6 H . -12.21 25.11 -15.63
C3 SL6 H . -11.49 24.78 -14.31
C4 SL6 H . -10.95 26.02 -13.58
C5 SL6 H . -12.02 27.10 -13.36
C6 SL6 H . -13.27 26.90 -14.23
C1 SL6 H . -12.86 26.50 -15.65
MN MN I . -12.38 16.19 -17.75
MN MN J . -9.58 18.60 -18.26
CL2 SL6 K . 24.98 -8.92 -0.01
C19 SL6 K . 25.70 -10.57 0.11
C18 SL6 K . 27.00 -10.75 0.62
C17 SL6 K . 27.55 -12.04 0.68
C20 SL6 K . 24.97 -11.68 -0.32
C21 SL6 K . 25.51 -12.96 -0.27
C16 SL6 K . 26.80 -13.15 0.24
C15 SL6 K . 27.40 -14.55 0.30
C11 SL6 K . 26.92 -15.47 1.44
C10 SL6 K . 27.19 -14.70 2.76
C9 SL6 K . 27.08 -15.54 4.04
C14 SL6 K . 25.43 -15.94 1.29
O27 SL6 K . 25.19 -16.78 0.43
C22 SL6 K . 24.31 -15.35 2.08
C23 SL6 K . 22.97 -15.34 1.79
O28 SL6 K . 22.41 -16.01 0.79
C24 SL6 K . 22.07 -14.57 2.67
O26 SL6 K . 20.83 -14.45 2.48
O25 SL6 K . 22.58 -14.03 3.67
C12 SL6 K . 27.83 -16.73 1.40
C13 SL6 K . 28.23 -17.25 2.77
N8 SL6 K . 27.19 -17.00 3.77
C7 SL6 K . 27.39 -17.91 4.93
C2 SL6 K . 28.05 -17.32 6.18
C3 SL6 K . 27.98 -18.42 7.25
C4 SL6 K . 28.71 -18.03 8.53
C5 SL6 K . 30.11 -17.47 8.29
C6 SL6 K . 30.11 -16.33 7.26
C1 SL6 K . 29.50 -16.85 5.96
MN MN L . 20.53 -15.27 0.41
MN MN M . 23.51 -17.41 -0.44
CL2 SL6 N . -25.01 -4.99 3.27
C19 SL6 N . -25.84 -6.19 4.34
C18 SL6 N . -26.93 -6.93 3.88
C17 SL6 N . -27.55 -7.85 4.73
C20 SL6 N . -25.36 -6.36 5.64
C21 SL6 N . -26.00 -7.26 6.50
C16 SL6 N . -27.08 -8.01 6.04
C15 SL6 N . -27.74 -9.00 6.98
C11 SL6 N . -27.13 -10.40 6.91
C10 SL6 N . -27.21 -10.92 5.47
C9 SL6 N . -26.98 -12.43 5.31
C14 SL6 N . -25.68 -10.44 7.46
O27 SL6 N . -25.49 -10.35 8.68
C22 SL6 N . -24.50 -10.50 6.52
C23 SL6 N . -23.19 -10.25 6.81
O28 SL6 N . -22.75 -9.95 8.02
C24 SL6 N . -22.19 -10.31 5.74
O26 SL6 N . -20.98 -9.98 5.85
O25 SL6 N . -22.56 -10.68 4.64
C12 SL6 N . -28.08 -11.26 7.76
C13 SL6 N . -27.96 -12.77 7.50
N8 SL6 N . -26.85 -13.18 6.60
C7 SL6 N . -26.86 -14.67 6.53
C2 SL6 N . -26.89 -15.31 5.15
C3 SL6 N . -26.50 -16.79 5.25
C4 SL6 N . -26.31 -17.33 3.84
C5 SL6 N . -27.54 -17.10 2.95
C6 SL6 N . -28.06 -15.66 3.00
C1 SL6 N . -28.26 -15.26 4.45
MN MN O . -20.54 -9.21 8.01
MN MN P . -23.65 -10.20 9.83
#